data_5NAH
#
_entry.id   5NAH
#
_cell.length_a   69.870
_cell.length_b   51.980
_cell.length_c   136.020
_cell.angle_alpha   90.00
_cell.angle_beta   103.67
_cell.angle_gamma   90.00
#
_symmetry.space_group_name_H-M   'P 1 21 1'
#
loop_
_entity.id
_entity.type
_entity.pdbx_description
1 polymer 'Kynurenine 3-monooxygenase'
2 non-polymer 'FLAVIN-ADENINE DINUCLEOTIDE'
3 non-polymer '3-[5-chloranyl-6-[(1~{R})-1-(6-methylpyridazin-3-yl)ethoxy]-1,2-benzoxazol-3-yl]propanoic acid'
4 water water
#
_entity_poly.entity_id   1
_entity_poly.type   'polypeptide(L)'
_entity_poly.pdbx_seq_one_letter_code
;MTATDNARQVTIIGAGLAGTLVARLLARNGWQVNLFERRPDPRIETGARGRSINLALAERGAHALRLAGLEREVLAEAVM
MRGRMVHVPGTPPNLQPYGRDDSEVIWSINRDRLNRILLDGAEAAGASIHFNLGLDSVDFARQRLTLSNVSGERLEKRFH
LLIGADG(OCS)NSAVRQAMASVVDLGEHLETQPHGYKELQITPEASAQFNLEPNALHIWPHGDYMCIALPNLDRSFTVT
LFLHHQSPAAQPASPSFAQLVDGHAARRFFQRQFPDLSPMLDSLEQDFEHHPTGKLATLRLTTWHVGGQAVLLGDAAHPM
VPFHGQGMNCALEDAVALAEHLQSAADNASALAAFTAQRQPDALAIQAMALENYVEMSSKVASPTYLLERELGQIMAQRQ
PTRFIPRYSMVTFSRLPYAQAMARGQIQEQLLKFAVANHSDLTSINLDAVEHEVTRCLPPLSHLS
;
_entity_poly.pdbx_strand_id   A,B
#
loop_
_chem_comp.id
_chem_comp.type
_chem_comp.name
_chem_comp.formula
8RB non-polymer '3-[5-chloranyl-6-[(1~{R})-1-(6-methylpyridazin-3-yl)ethoxy]-1,2-benzoxazol-3-yl]propanoic acid' 'C17 H16 Cl N3 O4'
FAD non-polymer 'FLAVIN-ADENINE DINUCLEOTIDE' 'C27 H33 N9 O15 P2'
#
# COMPACT_ATOMS: atom_id res chain seq x y z
N ALA A 7 18.10 33.90 32.89
CA ALA A 7 18.30 32.60 32.23
C ALA A 7 17.27 31.57 32.68
N ARG A 8 16.68 30.85 31.70
CA ARG A 8 15.69 29.80 31.95
C ARG A 8 16.38 28.60 32.60
N GLN A 9 15.68 27.95 33.52
CA GLN A 9 16.23 26.85 34.32
C GLN A 9 15.59 25.54 33.98
N VAL A 10 16.38 24.48 34.04
CA VAL A 10 15.88 23.15 33.75
C VAL A 10 16.61 22.10 34.58
N THR A 11 15.85 21.10 35.02
CA THR A 11 16.40 19.96 35.76
C THR A 11 16.17 18.76 34.87
N ILE A 12 17.23 18.03 34.58
CA ILE A 12 17.13 16.82 33.75
C ILE A 12 17.46 15.62 34.63
N ILE A 13 16.65 14.57 34.52
CA ILE A 13 16.89 13.33 35.24
C ILE A 13 17.37 12.31 34.24
N GLY A 14 18.59 11.84 34.44
CA GLY A 14 19.19 10.81 33.60
C GLY A 14 20.24 11.38 32.67
N ALA A 15 21.51 11.09 32.99
CA ALA A 15 22.63 11.52 32.15
C ALA A 15 22.98 10.36 31.20
N GLY A 16 21.97 9.92 30.46
CA GLY A 16 22.08 8.90 29.45
C GLY A 16 22.26 9.58 28.12
N LEU A 17 21.77 9.00 27.04
CA LEU A 17 22.02 9.60 25.73
C LEU A 17 21.19 10.86 25.43
N ALA A 18 19.87 10.78 25.61
CA ALA A 18 19.00 11.94 25.36
C ALA A 18 19.24 13.05 26.40
N GLY A 19 19.40 12.68 27.66
CA GLY A 19 19.57 13.63 28.75
C GLY A 19 20.81 14.48 28.64
N THR A 20 21.95 13.85 28.31
CA THR A 20 23.20 14.58 28.19
CA THR A 20 23.21 14.59 28.15
C THR A 20 23.18 15.43 26.91
N LEU A 21 22.59 14.92 25.81
CA LEU A 21 22.50 15.70 24.58
C LEU A 21 21.63 16.93 24.79
N VAL A 22 20.45 16.75 25.39
CA VAL A 22 19.58 17.90 25.61
C VAL A 22 20.24 18.90 26.59
N ALA A 23 20.98 18.40 27.61
CA ALA A 23 21.71 19.26 28.58
C ALA A 23 22.71 20.13 27.82
N ARG A 24 23.45 19.57 26.87
CA ARG A 24 24.42 20.37 26.08
C ARG A 24 23.75 21.42 25.22
N LEU A 25 22.69 21.01 24.49
CA LEU A 25 22.00 21.95 23.60
C LEU A 25 21.39 23.12 24.36
N LEU A 26 20.76 22.84 25.52
CA LEU A 26 20.16 23.90 26.33
C LEU A 26 21.24 24.76 27.01
N ALA A 27 22.27 24.13 27.62
CA ALA A 27 23.32 24.90 28.29
C ALA A 27 24.06 25.85 27.32
N ARG A 28 24.33 25.39 26.08
CA ARG A 28 25.04 26.28 25.16
C ARG A 28 24.15 27.45 24.69
N ASN A 29 22.82 27.32 24.89
CA ASN A 29 21.86 28.37 24.61
C ASN A 29 21.61 29.23 25.87
N GLY A 30 22.46 29.08 26.87
CA GLY A 30 22.39 29.88 28.09
C GLY A 30 21.42 29.43 29.16
N TRP A 31 20.82 28.23 29.03
CA TRP A 31 19.92 27.74 30.10
C TRP A 31 20.78 27.34 31.30
N GLN A 32 20.21 27.44 32.51
CA GLN A 32 20.87 26.95 33.72
C GLN A 32 20.43 25.49 33.78
N VAL A 33 21.38 24.58 33.57
CA VAL A 33 21.07 23.14 33.48
C VAL A 33 21.67 22.37 34.63
N ASN A 34 20.82 21.62 35.36
CA ASN A 34 21.26 20.68 36.39
C ASN A 34 20.79 19.30 35.96
N LEU A 35 21.73 18.36 35.84
CA LEU A 35 21.46 17.01 35.38
C LEU A 35 21.75 16.05 36.52
N PHE A 36 20.79 15.20 36.88
CA PHE A 36 20.94 14.24 37.99
C PHE A 36 20.97 12.84 37.44
N GLU A 37 21.98 12.05 37.87
CA GLU A 37 22.17 10.70 37.34
C GLU A 37 22.31 9.72 38.49
N ARG A 38 21.61 8.59 38.42
CA ARG A 38 21.67 7.65 39.56
C ARG A 38 23.00 6.90 39.65
N ARG A 39 23.62 6.65 38.50
CA ARG A 39 24.88 5.90 38.46
C ARG A 39 26.08 6.79 38.82
N PRO A 40 27.27 6.19 39.08
CA PRO A 40 28.49 7.02 39.29
C PRO A 40 28.93 7.60 37.95
N ASP A 41 29.86 8.58 38.01
CA ASP A 41 30.42 9.18 36.81
C ASP A 41 31.34 8.12 36.14
N PRO A 42 31.01 7.64 34.92
CA PRO A 42 31.86 6.61 34.28
C PRO A 42 33.25 7.16 33.90
N ARG A 43 33.42 8.48 33.90
CA ARG A 43 34.71 9.11 33.59
C ARG A 43 35.69 8.99 34.76
N ILE A 44 35.18 8.64 35.96
CA ILE A 44 36.05 8.44 37.11
C ILE A 44 36.56 7.01 36.99
N GLU A 45 37.79 6.87 36.55
CA GLU A 45 38.36 5.55 36.33
C GLU A 45 38.51 4.79 37.63
N THR A 46 38.01 3.55 37.63
CA THR A 46 38.16 2.68 38.80
C THR A 46 38.90 1.40 38.36
N GLY A 47 39.04 0.44 39.25
CA GLY A 47 39.66 -0.84 38.88
C GLY A 47 38.63 -1.88 38.49
N ALA A 48 37.37 -1.46 38.27
CA ALA A 48 36.27 -2.37 37.94
C ALA A 48 36.35 -2.81 36.49
N ARG A 49 35.88 -4.03 36.23
CA ARG A 49 35.85 -4.62 34.91
C ARG A 49 34.39 -4.59 34.44
N GLY A 50 34.03 -3.48 33.79
CA GLY A 50 32.69 -3.27 33.25
C GLY A 50 32.62 -3.78 31.82
N ARG A 51 31.51 -4.46 31.46
CA ARG A 51 31.35 -5.03 30.12
C ARG A 51 30.94 -3.97 29.07
N SER A 52 31.43 -4.20 27.84
CA SER A 52 31.27 -3.38 26.64
C SER A 52 29.99 -3.60 25.89
N ILE A 53 29.05 -2.66 25.97
CA ILE A 53 27.86 -2.74 25.15
C ILE A 53 28.10 -1.87 23.90
N ASN A 54 27.76 -2.40 22.73
CA ASN A 54 27.89 -1.66 21.47
C ASN A 54 26.53 -1.30 20.97
N LEU A 55 26.43 -0.15 20.33
CA LEU A 55 25.20 0.33 19.72
C LEU A 55 25.47 0.69 18.28
N ALA A 56 24.45 0.54 17.43
CA ALA A 56 24.51 0.90 16.03
C ALA A 56 23.95 2.34 15.84
N LEU A 57 24.85 3.26 15.63
CA LEU A 57 24.53 4.67 15.39
C LEU A 57 24.27 4.84 13.90
N ALA A 58 23.15 5.50 13.57
CA ALA A 58 22.78 5.72 12.17
C ALA A 58 22.60 7.22 11.91
N GLU A 59 22.13 7.60 10.72
CA GLU A 59 22.03 9.02 10.36
C GLU A 59 21.23 9.90 11.36
N ARG A 60 20.10 9.42 11.91
CA ARG A 60 19.33 10.24 12.86
C ARG A 60 20.15 10.61 14.10
N GLY A 61 20.83 9.61 14.67
CA GLY A 61 21.66 9.87 15.84
C GLY A 61 22.89 10.68 15.44
N ALA A 62 23.52 10.32 14.31
CA ALA A 62 24.74 11.03 13.87
C ALA A 62 24.47 12.52 13.59
N HIS A 63 23.34 12.80 12.96
CA HIS A 63 22.94 14.18 12.66
C HIS A 63 22.67 14.95 13.96
N ALA A 64 22.04 14.30 14.96
CA ALA A 64 21.81 14.95 16.27
C ALA A 64 23.14 15.33 16.91
N LEU A 65 24.11 14.41 16.85
CA LEU A 65 25.45 14.69 17.36
C LEU A 65 26.14 15.81 16.56
N ARG A 66 25.94 15.82 15.22
CA ARG A 66 26.51 16.81 14.30
C ARG A 66 26.02 18.21 14.71
N LEU A 67 24.71 18.35 14.98
CA LEU A 67 24.12 19.63 15.41
C LEU A 67 24.74 20.09 16.74
N ALA A 68 25.08 19.14 17.63
CA ALA A 68 25.71 19.40 18.92
C ALA A 68 27.22 19.58 18.85
N GLY A 69 27.80 19.40 17.66
CA GLY A 69 29.25 19.55 17.47
C GLY A 69 30.05 18.39 18.03
N LEU A 70 29.42 17.21 18.21
CA LEU A 70 30.09 16.06 18.80
C LEU A 70 30.30 14.88 17.84
N GLU A 71 29.77 14.97 16.61
CA GLU A 71 29.83 13.82 15.69
C GLU A 71 31.25 13.36 15.37
N ARG A 72 32.15 14.29 15.03
CA ARG A 72 33.53 13.92 14.68
C ARG A 72 34.18 13.13 15.81
N GLU A 73 34.03 13.62 17.07
CA GLU A 73 34.60 12.95 18.24
C GLU A 73 34.02 11.53 18.41
N VAL A 74 32.71 11.38 18.27
CA VAL A 74 32.05 10.06 18.42
C VAL A 74 32.49 9.10 17.29
N LEU A 75 32.46 9.56 16.03
CA LEU A 75 32.82 8.73 14.89
C LEU A 75 34.28 8.30 14.90
N ALA A 76 35.16 9.08 15.52
CA ALA A 76 36.58 8.74 15.64
C ALA A 76 36.74 7.45 16.45
N GLU A 77 35.76 7.14 17.31
CA GLU A 77 35.75 5.97 18.18
C GLU A 77 34.71 4.93 17.71
N ALA A 78 34.26 5.00 16.43
CA ALA A 78 33.24 4.07 15.94
C ALA A 78 33.73 3.22 14.79
N VAL A 79 33.27 1.97 14.73
CA VAL A 79 33.64 1.05 13.66
C VAL A 79 32.57 1.14 12.57
N MET A 80 32.98 1.36 11.33
CA MET A 80 32.07 1.43 10.21
C MET A 80 31.45 0.05 9.94
N MET A 81 30.14 -0.03 9.79
CA MET A 81 29.48 -1.30 9.43
C MET A 81 28.86 -1.05 8.03
N ARG A 82 29.53 -1.58 6.98
CA ARG A 82 29.14 -1.34 5.58
C ARG A 82 27.93 -2.13 5.15
N GLY A 83 27.70 -3.23 5.83
CA GLY A 83 26.61 -4.13 5.47
C GLY A 83 26.30 -5.13 6.55
N ARG A 84 25.32 -5.95 6.27
CA ARG A 84 24.82 -7.02 7.13
C ARG A 84 25.48 -8.32 6.65
N MET A 85 26.13 -9.04 7.57
CA MET A 85 26.76 -10.31 7.23
C MET A 85 25.85 -11.38 7.81
N VAL A 86 25.13 -12.14 6.96
CA VAL A 86 24.20 -13.19 7.40
C VAL A 86 24.91 -14.55 7.49
N HIS A 87 24.86 -15.17 8.69
CA HIS A 87 25.54 -16.44 8.89
C HIS A 87 24.53 -17.55 8.97
N VAL A 88 24.62 -18.47 8.02
CA VAL A 88 23.82 -19.69 7.91
C VAL A 88 24.82 -20.85 7.81
N PRO A 89 24.76 -21.84 8.75
CA PRO A 89 25.73 -22.95 8.73
C PRO A 89 25.82 -23.66 7.40
N GLY A 90 27.05 -23.96 6.99
CA GLY A 90 27.35 -24.67 5.76
C GLY A 90 27.79 -23.77 4.63
N THR A 91 27.30 -22.52 4.59
CA THR A 91 27.65 -21.54 3.55
C THR A 91 28.57 -20.45 4.08
N PRO A 92 29.46 -19.86 3.23
CA PRO A 92 30.31 -18.78 3.73
C PRO A 92 29.42 -17.58 4.07
N PRO A 93 29.81 -16.71 5.03
CA PRO A 93 28.95 -15.56 5.35
C PRO A 93 28.66 -14.71 4.10
N ASN A 94 27.39 -14.28 3.95
CA ASN A 94 26.89 -13.48 2.83
C ASN A 94 26.73 -12.00 3.26
N LEU A 95 27.50 -11.06 2.62
CA LEU A 95 27.51 -9.61 2.90
C LEU A 95 26.51 -8.86 2.04
N GLN A 96 25.50 -8.30 2.69
CA GLN A 96 24.46 -7.51 2.06
C GLN A 96 24.78 -6.03 2.36
N PRO A 97 25.38 -5.27 1.41
CA PRO A 97 25.67 -3.86 1.68
C PRO A 97 24.43 -3.08 2.09
N TYR A 98 24.59 -2.22 3.10
CA TYR A 98 23.46 -1.47 3.66
C TYR A 98 22.97 -0.35 2.75
N GLY A 99 23.87 0.20 1.96
CA GLY A 99 23.56 1.28 1.04
C GLY A 99 24.45 1.36 -0.18
N ARG A 100 24.29 2.46 -0.94
CA ARG A 100 24.95 2.80 -2.20
C ARG A 100 26.48 2.80 -2.14
N ASP A 101 27.08 3.46 -1.11
CA ASP A 101 28.53 3.55 -0.91
C ASP A 101 28.89 3.69 0.59
N ASP A 102 30.12 4.15 0.92
CA ASP A 102 30.55 4.32 2.32
C ASP A 102 29.87 5.51 3.02
N SER A 103 29.02 6.28 2.30
CA SER A 103 28.24 7.35 2.93
C SER A 103 27.04 6.70 3.61
N GLU A 104 26.53 5.60 3.03
CA GLU A 104 25.41 4.89 3.63
C GLU A 104 25.89 3.68 4.45
N VAL A 105 26.34 3.95 5.68
CA VAL A 105 26.85 2.96 6.63
C VAL A 105 26.27 3.25 7.99
N ILE A 106 26.40 2.29 8.89
CA ILE A 106 26.03 2.48 10.28
C ILE A 106 27.31 2.30 11.05
N TRP A 107 27.34 2.82 12.25
CA TRP A 107 28.52 2.90 13.07
C TRP A 107 28.35 2.14 14.36
N SER A 108 29.31 1.30 14.68
CA SER A 108 29.26 0.58 15.94
C SER A 108 30.06 1.39 16.96
N ILE A 109 29.38 1.88 17.99
CA ILE A 109 30.04 2.69 19.04
C ILE A 109 29.87 2.04 20.41
N ASN A 110 30.94 2.04 21.21
CA ASN A 110 30.89 1.52 22.57
C ASN A 110 30.07 2.51 23.41
N ARG A 111 29.07 2.01 24.17
CA ARG A 111 28.17 2.87 24.95
C ARG A 111 28.91 3.80 25.91
N ASP A 112 29.86 3.23 26.67
CA ASP A 112 30.65 3.97 27.65
C ASP A 112 31.46 5.09 27.01
N ARG A 113 32.09 4.84 25.84
CA ARG A 113 32.87 5.88 25.13
C ARG A 113 31.90 7.03 24.71
N LEU A 114 30.74 6.67 24.17
CA LEU A 114 29.72 7.66 23.76
C LEU A 114 29.25 8.46 25.00
N ASN A 115 28.97 7.78 26.12
CA ASN A 115 28.49 8.53 27.27
CA ASN A 115 28.58 8.37 27.40
C ASN A 115 29.57 9.46 27.83
N ARG A 116 30.88 9.09 27.82
CA ARG A 116 32.01 9.95 28.25
CA ARG A 116 31.93 10.00 28.27
C ARG A 116 32.01 11.23 27.40
N ILE A 117 31.90 11.06 26.06
CA ILE A 117 31.93 12.18 25.11
C ILE A 117 30.75 13.11 25.39
N LEU A 118 29.55 12.53 25.59
CA LEU A 118 28.36 13.33 25.84
C LEU A 118 28.45 14.07 27.16
N LEU A 119 28.94 13.38 28.21
CA LEU A 119 29.11 14.02 29.53
C LEU A 119 30.06 15.22 29.44
N ASP A 120 31.22 15.03 28.80
CA ASP A 120 32.19 16.09 28.61
C ASP A 120 31.54 17.24 27.82
N GLY A 121 30.79 16.90 26.79
CA GLY A 121 30.08 17.88 25.95
C GLY A 121 29.07 18.72 26.73
N ALA A 122 28.28 18.07 27.62
CA ALA A 122 27.28 18.78 28.43
C ALA A 122 27.98 19.75 29.40
N GLU A 123 29.06 19.27 30.04
CA GLU A 123 29.82 20.13 30.98
C GLU A 123 30.55 21.27 30.28
N ALA A 124 31.10 21.02 29.09
CA ALA A 124 31.79 22.07 28.31
C ALA A 124 30.81 23.20 27.95
N ALA A 125 29.53 22.85 27.75
CA ALA A 125 28.48 23.81 27.41
C ALA A 125 27.95 24.57 28.64
N GLY A 126 28.31 24.11 29.84
CA GLY A 126 27.93 24.78 31.08
C GLY A 126 26.95 24.03 31.98
N ALA A 127 26.54 22.81 31.60
CA ALA A 127 25.63 22.05 32.45
C ALA A 127 26.35 21.52 33.69
N SER A 128 25.62 21.42 34.82
CA SER A 128 26.18 20.85 36.05
C SER A 128 25.59 19.45 36.16
N ILE A 129 26.47 18.45 36.32
CA ILE A 129 26.02 17.05 36.40
C ILE A 129 26.29 16.52 37.81
N HIS A 130 25.26 15.93 38.40
CA HIS A 130 25.30 15.41 39.77
C HIS A 130 25.05 13.92 39.71
N PHE A 131 26.07 13.13 40.01
CA PHE A 131 25.95 11.68 39.91
C PHE A 131 25.58 11.08 41.25
N ASN A 132 25.32 9.76 41.26
CA ASN A 132 24.99 8.99 42.48
C ASN A 132 23.74 9.52 43.17
N LEU A 133 22.81 10.06 42.38
CA LEU A 133 21.55 10.59 42.90
C LEU A 133 20.41 10.11 42.01
N GLY A 134 19.58 9.24 42.57
CA GLY A 134 18.44 8.70 41.85
C GLY A 134 17.16 9.44 42.21
N LEU A 135 16.33 9.77 41.22
CA LEU A 135 15.05 10.41 41.49
C LEU A 135 14.12 9.38 42.13
N ASP A 136 13.54 9.71 43.30
CA ASP A 136 12.62 8.84 44.03
C ASP A 136 11.17 9.27 43.86
N SER A 137 10.91 10.59 43.85
CA SER A 137 9.53 11.09 43.78
C SER A 137 9.51 12.55 43.38
N VAL A 138 8.35 13.00 42.89
CA VAL A 138 8.13 14.38 42.47
C VAL A 138 6.85 14.90 43.12
N ASP A 139 6.91 16.12 43.63
CA ASP A 139 5.70 16.78 44.14
C ASP A 139 5.45 17.89 43.13
N PHE A 140 4.53 17.65 42.18
CA PHE A 140 4.24 18.62 41.13
C PHE A 140 3.66 19.93 41.65
N ALA A 141 2.81 19.84 42.65
CA ALA A 141 2.12 21.01 43.25
C ALA A 141 3.14 21.97 43.87
N ARG A 142 4.12 21.45 44.63
CA ARG A 142 5.15 22.23 45.31
C ARG A 142 6.37 22.47 44.46
N GLN A 143 6.44 21.83 43.28
CA GLN A 143 7.56 21.94 42.33
C GLN A 143 8.87 21.52 43.05
N ARG A 144 8.81 20.38 43.76
CA ARG A 144 9.95 19.81 44.46
C ARG A 144 10.12 18.36 44.10
N LEU A 145 11.32 17.87 44.20
CA LEU A 145 11.56 16.48 43.93
C LEU A 145 12.48 15.93 44.99
N THR A 146 12.52 14.60 45.10
CA THR A 146 13.35 13.95 46.10
C THR A 146 14.25 13.01 45.37
N LEU A 147 15.54 13.09 45.69
CA LEU A 147 16.58 12.22 45.18
C LEU A 147 17.20 11.47 46.33
N SER A 148 17.83 10.32 46.05
CA SER A 148 18.54 9.59 47.08
C SER A 148 19.81 8.97 46.53
N ASN A 149 20.83 8.77 47.37
CA ASN A 149 22.03 8.05 46.92
C ASN A 149 21.82 6.55 47.13
N VAL A 150 22.83 5.70 46.85
CA VAL A 150 22.72 4.26 47.06
C VAL A 150 22.53 3.93 48.56
N SER A 151 23.13 4.76 49.47
CA SER A 151 23.05 4.63 50.94
C SER A 151 21.62 4.93 51.46
N GLY A 152 20.76 5.51 50.62
CA GLY A 152 19.38 5.81 50.96
C GLY A 152 19.14 7.18 51.57
N GLU A 153 20.20 8.02 51.71
CA GLU A 153 20.05 9.38 52.25
C GLU A 153 19.29 10.24 51.22
N ARG A 154 18.25 10.93 51.65
CA ARG A 154 17.41 11.74 50.75
C ARG A 154 17.86 13.20 50.67
N LEU A 155 17.63 13.80 49.49
CA LEU A 155 17.95 15.18 49.20
C LEU A 155 16.78 15.76 48.39
N GLU A 156 16.24 16.90 48.83
CA GLU A 156 15.13 17.53 48.13
C GLU A 156 15.64 18.70 47.31
N LYS A 157 15.04 18.92 46.13
CA LYS A 157 15.42 20.04 45.28
C LYS A 157 14.16 20.67 44.71
N ARG A 158 14.19 21.98 44.53
CA ARG A 158 13.14 22.70 43.84
C ARG A 158 13.43 22.51 42.33
N PHE A 159 12.39 22.51 41.47
CA PHE A 159 12.61 22.47 40.02
C PHE A 159 11.64 23.44 39.36
N HIS A 160 11.99 23.93 38.20
CA HIS A 160 11.17 24.86 37.41
C HIS A 160 10.60 24.10 36.20
N LEU A 161 11.44 23.32 35.55
CA LEU A 161 11.07 22.47 34.42
C LEU A 161 11.80 21.14 34.62
N LEU A 162 11.05 20.05 34.50
CA LEU A 162 11.65 18.72 34.72
C LEU A 162 11.67 17.91 33.44
N ILE A 163 12.85 17.43 33.06
CA ILE A 163 12.98 16.59 31.86
C ILE A 163 13.29 15.18 32.31
N GLY A 164 12.41 14.26 31.95
CA GLY A 164 12.60 12.84 32.26
C GLY A 164 13.34 12.17 31.11
N ALA A 165 14.67 12.07 31.24
CA ALA A 165 15.54 11.41 30.25
C ALA A 165 16.13 10.18 30.99
N ASP A 166 15.29 9.57 31.81
CA ASP A 166 15.70 8.56 32.77
C ASP A 166 15.35 7.12 32.34
N GLY A 167 15.30 6.89 31.05
CA GLY A 167 15.28 5.52 30.53
C GLY A 167 13.97 4.77 30.57
N OCS A 168 14.05 3.49 30.15
CA OCS A 168 12.88 2.64 29.98
CB OCS A 168 13.15 1.47 29.09
SG OCS A 168 14.05 0.24 30.07
C OCS A 168 11.99 2.50 31.20
O OCS A 168 10.79 2.30 31.06
OD1 OCS A 168 14.31 -0.87 29.19
OD2 OCS A 168 15.21 0.76 30.78
OD3 OCS A 168 13.11 -0.36 31.04
N ASN A 169 12.61 2.53 32.39
CA ASN A 169 11.90 2.40 33.65
C ASN A 169 11.87 3.75 34.40
N SER A 170 11.71 4.83 33.63
CA SER A 170 11.66 6.22 34.09
C SER A 170 10.91 6.43 35.41
N ALA A 171 11.61 7.02 36.38
CA ALA A 171 10.99 7.46 37.65
C ALA A 171 10.15 8.74 37.37
N VAL A 172 10.58 9.61 36.44
CA VAL A 172 9.79 10.82 36.10
C VAL A 172 8.44 10.38 35.53
N ARG A 173 8.44 9.37 34.62
CA ARG A 173 7.19 8.88 34.04
C ARG A 173 6.26 8.37 35.13
N GLN A 174 6.81 7.59 36.07
CA GLN A 174 6.08 7.02 37.20
C GLN A 174 5.47 8.16 38.01
N ALA A 175 6.26 9.22 38.29
CA ALA A 175 5.77 10.38 39.04
C ALA A 175 4.63 11.10 38.29
N MET A 176 4.79 11.28 36.95
CA MET A 176 3.78 11.96 36.12
C MET A 176 2.45 11.22 36.11
N ALA A 177 2.53 9.87 36.04
CA ALA A 177 1.38 8.96 36.05
C ALA A 177 0.47 9.13 37.28
N SER A 178 0.95 9.84 38.35
CA SER A 178 0.20 10.16 39.56
C SER A 178 -0.63 11.47 39.45
N VAL A 179 -0.32 12.35 38.48
CA VAL A 179 -1.03 13.63 38.33
C VAL A 179 -1.80 13.73 37.00
N VAL A 180 -1.41 12.92 36.00
CA VAL A 180 -2.07 12.88 34.70
C VAL A 180 -2.24 11.42 34.26
N ASP A 181 -3.24 11.14 33.42
CA ASP A 181 -3.41 9.79 32.89
C ASP A 181 -2.54 9.83 31.64
N LEU A 182 -1.44 9.06 31.65
CA LEU A 182 -0.52 9.07 30.51
C LEU A 182 -1.00 8.17 29.38
N GLY A 183 -2.12 7.46 29.62
CA GLY A 183 -2.74 6.52 28.69
C GLY A 183 -1.71 5.48 28.26
N GLU A 184 -1.02 4.91 29.24
CA GLU A 184 0.07 3.96 29.00
C GLU A 184 -0.46 2.61 28.60
N HIS A 185 0.18 2.00 27.62
CA HIS A 185 -0.12 0.64 27.23
C HIS A 185 1.19 -0.07 27.04
N LEU A 186 1.41 -1.09 27.86
CA LEU A 186 2.63 -1.88 27.82
C LEU A 186 2.37 -3.14 27.01
N GLU A 187 3.21 -3.36 26.00
CA GLU A 187 3.11 -4.57 25.18
C GLU A 187 4.36 -5.38 25.49
N THR A 188 4.17 -6.48 26.20
CA THR A 188 5.27 -7.37 26.57
C THR A 188 5.86 -8.00 25.33
N GLN A 189 7.14 -8.37 25.41
CA GLN A 189 7.81 -9.04 24.32
C GLN A 189 8.34 -10.39 24.82
N PRO A 190 8.06 -11.49 24.10
CA PRO A 190 8.46 -12.81 24.59
C PRO A 190 9.97 -13.10 24.62
N HIS A 191 10.80 -12.33 23.89
CA HIS A 191 12.24 -12.60 23.87
C HIS A 191 12.98 -11.92 24.99
N GLY A 192 13.84 -12.67 25.64
CA GLY A 192 14.81 -12.13 26.56
C GLY A 192 16.09 -11.95 25.77
N TYR A 193 17.12 -11.37 26.38
CA TYR A 193 18.39 -11.24 25.69
C TYR A 193 19.54 -11.50 26.63
N LYS A 194 20.67 -11.93 26.06
CA LYS A 194 21.88 -12.20 26.81
C LYS A 194 23.06 -11.70 25.99
N GLU A 195 23.98 -10.99 26.65
CA GLU A 195 25.19 -10.50 26.00
C GLU A 195 26.34 -11.45 26.21
N LEU A 196 27.05 -11.74 25.14
CA LEU A 196 28.19 -12.64 25.11
C LEU A 196 29.35 -11.95 24.39
N GLN A 197 30.56 -12.44 24.57
CA GLN A 197 31.72 -11.76 23.99
C GLN A 197 32.53 -12.64 23.07
N ILE A 198 33.06 -12.04 22.00
CA ILE A 198 34.02 -12.67 21.09
C ILE A 198 35.27 -11.83 21.29
N THR A 199 36.39 -12.45 21.68
CA THR A 199 37.65 -11.74 21.90
C THR A 199 38.29 -11.31 20.56
N PRO A 200 39.25 -10.35 20.56
CA PRO A 200 39.96 -10.01 19.31
C PRO A 200 40.71 -11.18 18.68
N GLU A 201 41.31 -12.08 19.53
CA GLU A 201 42.03 -13.27 19.04
C GLU A 201 41.07 -14.19 18.31
N ALA A 202 39.90 -14.46 18.92
CA ALA A 202 38.89 -15.34 18.35
C ALA A 202 38.30 -14.78 17.07
N SER A 203 37.93 -13.49 17.05
CA SER A 203 37.35 -12.95 15.82
C SER A 203 38.36 -13.01 14.65
N ALA A 204 39.66 -12.77 14.94
CA ALA A 204 40.72 -12.80 13.92
C ALA A 204 40.97 -14.24 13.45
N GLN A 205 40.99 -15.21 14.38
CA GLN A 205 41.23 -16.64 14.10
C GLN A 205 40.13 -17.19 13.17
N PHE A 206 38.87 -16.74 13.38
CA PHE A 206 37.73 -17.21 12.58
C PHE A 206 37.36 -16.26 11.43
N ASN A 207 38.26 -15.28 11.13
CA ASN A 207 38.09 -14.31 10.02
C ASN A 207 36.73 -13.58 10.04
N LEU A 208 36.27 -13.18 11.23
CA LEU A 208 35.00 -12.47 11.36
C LEU A 208 35.20 -11.02 10.93
N GLU A 209 34.49 -10.61 9.88
CA GLU A 209 34.59 -9.28 9.28
C GLU A 209 34.36 -8.14 10.29
N PRO A 210 35.36 -7.27 10.58
CA PRO A 210 35.09 -6.20 11.55
C PRO A 210 34.16 -5.11 11.04
N ASN A 211 34.13 -4.84 9.71
CA ASN A 211 33.32 -3.72 9.18
C ASN A 211 31.93 -4.13 8.66
N ALA A 212 31.20 -4.86 9.51
CA ALA A 212 29.84 -5.34 9.20
C ALA A 212 29.10 -5.62 10.50
N LEU A 213 27.76 -5.63 10.41
CA LEU A 213 26.87 -6.04 11.48
C LEU A 213 26.57 -7.50 11.16
N HIS A 214 26.80 -8.39 12.11
CA HIS A 214 26.63 -9.83 11.87
C HIS A 214 25.34 -10.35 12.45
N ILE A 215 24.68 -11.24 11.69
CA ILE A 215 23.44 -11.86 12.18
C ILE A 215 23.51 -13.35 11.95
N TRP A 216 23.04 -14.13 12.95
CA TRP A 216 22.88 -15.57 12.92
C TRP A 216 21.36 -15.81 13.05
N PRO A 217 20.62 -15.76 11.92
CA PRO A 217 19.16 -15.98 11.99
C PRO A 217 18.81 -17.41 12.39
N HIS A 218 17.74 -17.60 13.16
CA HIS A 218 17.31 -18.96 13.53
C HIS A 218 15.81 -19.01 13.84
N GLY A 219 15.04 -18.24 13.08
CA GLY A 219 13.59 -18.20 13.18
C GLY A 219 13.12 -17.51 14.44
N ASP A 220 12.65 -18.29 15.42
CA ASP A 220 12.16 -17.79 16.70
C ASP A 220 13.26 -17.25 17.61
N TYR A 221 14.52 -17.50 17.27
CA TYR A 221 15.64 -16.94 18.03
C TYR A 221 16.75 -16.56 17.08
N MET A 222 17.72 -15.76 17.57
CA MET A 222 18.84 -15.33 16.72
C MET A 222 19.93 -14.72 17.57
N CYS A 223 21.11 -14.55 16.94
CA CYS A 223 22.22 -13.78 17.52
C CYS A 223 22.58 -12.68 16.57
N ILE A 224 23.09 -11.60 17.14
CA ILE A 224 23.65 -10.47 16.37
C ILE A 224 25.01 -10.16 17.01
N ALA A 225 25.95 -9.64 16.22
CA ALA A 225 27.22 -9.25 16.81
C ALA A 225 27.62 -7.90 16.24
N LEU A 226 28.09 -7.00 17.12
CA LEU A 226 28.56 -5.67 16.70
C LEU A 226 30.06 -5.57 17.03
N PRO A 227 30.85 -4.97 16.15
CA PRO A 227 32.29 -4.91 16.36
C PRO A 227 32.76 -3.79 17.26
N ASN A 228 33.93 -3.96 17.81
CA ASN A 228 34.63 -2.95 18.61
C ASN A 228 35.92 -2.59 17.89
N LEU A 229 36.48 -1.42 18.22
CA LEU A 229 37.72 -0.90 17.64
C LEU A 229 38.88 -1.88 17.81
N ASP A 230 38.86 -2.66 18.89
CA ASP A 230 39.92 -3.62 19.17
C ASP A 230 39.66 -5.01 18.55
N ARG A 231 38.69 -5.13 17.63
CA ARG A 231 38.34 -6.38 16.95
C ARG A 231 37.53 -7.37 17.85
N SER A 232 37.22 -7.00 19.09
CA SER A 232 36.32 -7.83 19.91
C SER A 232 34.90 -7.56 19.37
N PHE A 233 33.94 -8.42 19.68
CA PHE A 233 32.56 -8.20 19.27
C PHE A 233 31.66 -8.45 20.46
N THR A 234 30.58 -7.67 20.57
CA THR A 234 29.57 -7.96 21.58
C THR A 234 28.49 -8.73 20.82
N VAL A 235 28.16 -9.90 21.32
CA VAL A 235 27.14 -10.75 20.71
C VAL A 235 25.90 -10.65 21.59
N THR A 236 24.73 -10.48 20.97
CA THR A 236 23.48 -10.53 21.69
C THR A 236 22.67 -11.72 21.21
N LEU A 237 22.27 -12.59 22.14
CA LEU A 237 21.37 -13.71 21.88
C LEU A 237 19.93 -13.23 22.21
N PHE A 238 19.00 -13.38 21.28
CA PHE A 238 17.58 -13.08 21.51
C PHE A 238 16.86 -14.42 21.49
N LEU A 239 16.22 -14.78 22.61
CA LEU A 239 15.62 -16.10 22.76
C LEU A 239 14.43 -15.99 23.72
N HIS A 240 13.33 -16.71 23.44
CA HIS A 240 12.13 -16.66 24.31
C HIS A 240 12.50 -16.89 25.77
N HIS A 241 11.90 -16.11 26.70
CA HIS A 241 12.11 -16.34 28.14
C HIS A 241 11.60 -17.76 28.48
N GLN A 242 10.40 -18.10 27.98
CA GLN A 242 9.73 -19.38 28.26
C GLN A 242 9.26 -20.04 26.98
N SER A 243 9.15 -21.39 27.00
CA SER A 243 8.66 -22.11 25.84
C SER A 243 7.13 -22.02 25.88
N PRO A 244 6.45 -21.65 24.76
CA PRO A 244 4.98 -21.54 24.81
C PRO A 244 4.30 -22.89 24.99
N ALA A 245 3.01 -22.86 25.39
CA ALA A 245 2.20 -24.06 25.62
C ALA A 245 2.06 -24.95 24.38
N ALA A 246 1.91 -24.33 23.19
CA ALA A 246 1.77 -25.02 21.90
C ALA A 246 3.07 -25.70 21.44
N GLN A 247 4.23 -25.14 21.84
CA GLN A 247 5.56 -25.68 21.51
C GLN A 247 6.40 -25.82 22.81
N PRO A 248 6.13 -26.84 23.66
CA PRO A 248 6.89 -26.96 24.93
C PRO A 248 8.35 -27.37 24.76
N ALA A 249 8.72 -27.95 23.60
CA ALA A 249 10.09 -28.38 23.29
C ALA A 249 10.94 -27.28 22.65
N SER A 250 10.30 -26.17 22.20
CA SER A 250 10.98 -25.05 21.55
C SER A 250 12.01 -24.39 22.50
N PRO A 251 13.23 -24.07 21.99
CA PRO A 251 14.25 -23.47 22.87
C PRO A 251 13.79 -22.23 23.61
N SER A 252 14.27 -22.05 24.84
CA SER A 252 13.97 -20.89 25.68
C SER A 252 15.02 -20.74 26.77
N PHE A 253 15.10 -19.56 27.40
CA PHE A 253 16.02 -19.32 28.51
C PHE A 253 15.71 -20.26 29.70
N ALA A 254 14.42 -20.58 29.93
CA ALA A 254 14.00 -21.50 31.00
C ALA A 254 14.68 -22.87 30.84
N GLN A 255 14.86 -23.33 29.58
CA GLN A 255 15.51 -24.63 29.30
C GLN A 255 17.04 -24.59 29.49
N LEU A 256 17.65 -23.40 29.48
CA LEU A 256 19.10 -23.24 29.62
C LEU A 256 19.42 -22.96 31.09
N VAL A 257 19.45 -24.06 31.86
CA VAL A 257 19.61 -24.06 33.33
C VAL A 257 20.95 -23.47 33.80
N ASP A 258 22.03 -23.59 33.00
CA ASP A 258 23.36 -23.08 33.34
C ASP A 258 24.18 -22.85 32.06
N GLY A 259 25.45 -22.45 32.23
CA GLY A 259 26.38 -22.18 31.14
C GLY A 259 26.65 -23.41 30.28
N HIS A 260 26.72 -24.61 30.89
CA HIS A 260 26.93 -25.87 30.19
C HIS A 260 25.80 -26.13 29.22
N ALA A 261 24.54 -25.86 29.63
CA ALA A 261 23.36 -26.03 28.78
C ALA A 261 23.42 -25.00 27.64
N ALA A 262 23.84 -23.75 27.95
CA ALA A 262 24.00 -22.70 26.93
C ALA A 262 25.01 -23.15 25.87
N ARG A 263 26.14 -23.75 26.30
CA ARG A 263 27.16 -24.24 25.37
C ARG A 263 26.57 -25.29 24.42
N ARG A 264 25.86 -26.31 24.96
CA ARG A 264 25.25 -27.39 24.14
C ARG A 264 24.26 -26.81 23.13
N PHE A 265 23.45 -25.84 23.57
CA PHE A 265 22.50 -25.11 22.73
C PHE A 265 23.22 -24.40 21.58
N PHE A 266 24.29 -23.63 21.87
CA PHE A 266 25.07 -22.97 20.82
C PHE A 266 25.77 -23.97 19.89
N GLN A 267 26.35 -25.04 20.44
CA GLN A 267 27.00 -26.05 19.60
C GLN A 267 26.02 -26.68 18.62
N ARG A 268 24.77 -26.85 19.04
CA ARG A 268 23.79 -27.46 18.15
C ARG A 268 23.11 -26.45 17.21
N GLN A 269 22.75 -25.28 17.71
CA GLN A 269 21.99 -24.31 16.93
C GLN A 269 22.81 -23.23 16.24
N PHE A 270 23.96 -22.86 16.80
CA PHE A 270 24.83 -21.83 16.20
C PHE A 270 26.25 -22.44 16.09
N PRO A 271 26.42 -23.56 15.34
CA PRO A 271 27.72 -24.26 15.33
C PRO A 271 28.92 -23.46 14.86
N ASP A 272 28.74 -22.49 13.96
CA ASP A 272 29.86 -21.67 13.47
C ASP A 272 30.13 -20.47 14.41
N LEU A 273 29.24 -20.23 15.39
CA LEU A 273 29.39 -19.13 16.35
C LEU A 273 30.00 -19.63 17.67
N SER A 274 29.51 -20.78 18.18
CA SER A 274 30.01 -21.38 19.42
C SER A 274 31.56 -21.39 19.55
N PRO A 275 32.36 -21.79 18.52
CA PRO A 275 33.83 -21.79 18.66
C PRO A 275 34.45 -20.41 18.92
N MET A 276 33.75 -19.33 18.54
CA MET A 276 34.23 -17.97 18.76
C MET A 276 33.89 -17.45 20.15
N LEU A 277 33.04 -18.16 20.89
CA LEU A 277 32.61 -17.71 22.21
C LEU A 277 33.37 -18.44 23.30
N ASP A 278 34.61 -17.99 23.56
CA ASP A 278 35.48 -18.64 24.54
C ASP A 278 34.94 -18.63 25.98
N SER A 279 34.26 -17.55 26.38
CA SER A 279 33.73 -17.41 27.74
C SER A 279 32.21 -17.58 27.80
N LEU A 280 31.65 -18.35 26.86
CA LEU A 280 30.21 -18.57 26.76
C LEU A 280 29.59 -18.96 28.11
N GLU A 281 30.12 -20.00 28.75
CA GLU A 281 29.61 -20.51 30.02
C GLU A 281 29.56 -19.43 31.09
N GLN A 282 30.68 -18.72 31.31
CA GLN A 282 30.84 -17.66 32.30
C GLN A 282 29.94 -16.46 31.99
N ASP A 283 29.95 -15.98 30.72
CA ASP A 283 29.10 -14.88 30.29
C ASP A 283 27.62 -15.20 30.52
N PHE A 284 27.20 -16.43 30.17
CA PHE A 284 25.81 -16.83 30.32
C PHE A 284 25.36 -16.78 31.78
N GLU A 285 26.18 -17.32 32.68
CA GLU A 285 25.85 -17.39 34.11
C GLU A 285 26.00 -16.06 34.84
N HIS A 286 26.96 -15.21 34.43
CA HIS A 286 27.23 -13.96 35.14
C HIS A 286 26.50 -12.74 34.57
N HIS A 287 26.12 -12.76 33.27
CA HIS A 287 25.38 -11.65 32.68
C HIS A 287 23.88 -11.95 32.84
N PRO A 288 23.07 -11.05 33.44
CA PRO A 288 21.65 -11.39 33.62
C PRO A 288 20.85 -11.34 32.31
N THR A 289 19.74 -12.09 32.25
CA THR A 289 18.88 -12.11 31.06
C THR A 289 18.05 -10.84 31.08
N GLY A 290 18.16 -10.05 30.02
CA GLY A 290 17.40 -8.81 29.95
C GLY A 290 16.02 -8.99 29.36
N LYS A 291 15.16 -7.99 29.55
CA LYS A 291 13.79 -7.98 29.08
C LYS A 291 13.60 -6.93 28.00
N LEU A 292 12.65 -7.18 27.09
CA LEU A 292 12.31 -6.27 25.98
C LEU A 292 10.84 -5.89 26.08
N ALA A 293 10.47 -4.71 25.58
CA ALA A 293 9.07 -4.27 25.66
C ALA A 293 8.82 -3.06 24.77
N THR A 294 7.53 -2.80 24.51
CA THR A 294 7.11 -1.59 23.81
C THR A 294 6.12 -0.94 24.77
N LEU A 295 6.32 0.33 25.06
CA LEU A 295 5.40 1.04 25.95
C LEU A 295 5.01 2.29 25.20
N ARG A 296 3.71 2.50 25.04
CA ARG A 296 3.16 3.62 24.28
C ARG A 296 2.36 4.52 25.24
N LEU A 297 2.59 5.86 25.18
CA LEU A 297 1.88 6.85 26.01
C LEU A 297 1.07 7.80 25.15
N THR A 298 -0.16 8.14 25.61
CA THR A 298 -1.02 9.11 24.91
C THR A 298 -0.47 10.54 25.10
N THR A 299 0.16 10.82 26.25
CA THR A 299 0.81 12.11 26.45
C THR A 299 2.19 11.97 27.12
N TRP A 300 3.08 12.91 26.81
CA TRP A 300 4.45 12.90 27.32
C TRP A 300 4.75 14.03 28.27
N HIS A 301 3.75 14.85 28.64
CA HIS A 301 4.05 15.99 29.49
C HIS A 301 2.94 16.29 30.48
N VAL A 302 3.31 17.03 31.54
CA VAL A 302 2.38 17.52 32.56
C VAL A 302 2.48 19.02 32.42
N GLY A 303 1.52 19.61 31.69
CA GLY A 303 1.50 21.05 31.45
C GLY A 303 2.85 21.55 30.96
N GLY A 304 3.36 22.58 31.61
CA GLY A 304 4.70 23.09 31.32
C GLY A 304 5.74 22.66 32.32
N GLN A 305 5.36 21.78 33.26
CA GLN A 305 6.22 21.36 34.35
C GLN A 305 7.18 20.23 34.06
N ALA A 306 6.74 19.21 33.29
CA ALA A 306 7.59 18.05 33.06
C ALA A 306 7.33 17.44 31.72
N VAL A 307 8.36 16.82 31.15
CA VAL A 307 8.25 16.16 29.86
C VAL A 307 9.13 14.94 29.85
N LEU A 308 8.74 13.94 29.03
CA LEU A 308 9.53 12.75 28.82
C LEU A 308 10.10 12.75 27.41
N LEU A 309 11.25 12.10 27.24
CA LEU A 309 11.82 11.86 25.93
C LEU A 309 12.65 10.59 25.96
N GLY A 310 13.01 10.11 24.78
CA GLY A 310 13.77 8.89 24.64
C GLY A 310 13.03 7.67 25.17
N ASP A 311 13.77 6.77 25.81
CA ASP A 311 13.20 5.53 26.38
C ASP A 311 12.18 5.81 27.49
N ALA A 312 12.28 6.97 28.17
CA ALA A 312 11.29 7.30 29.19
C ALA A 312 9.92 7.53 28.53
N ALA A 313 9.91 8.08 27.29
CA ALA A 313 8.65 8.36 26.58
C ALA A 313 8.18 7.18 25.76
N HIS A 314 9.11 6.41 25.17
CA HIS A 314 8.68 5.39 24.22
C HIS A 314 9.62 4.17 24.15
N PRO A 315 9.68 3.37 25.21
CA PRO A 315 10.48 2.13 25.13
C PRO A 315 10.07 1.35 23.88
N MET A 316 11.05 0.82 23.13
CA MET A 316 10.73 0.08 21.90
C MET A 316 11.56 -1.18 21.84
N VAL A 317 11.12 -2.14 21.02
CA VAL A 317 11.90 -3.37 20.84
C VAL A 317 13.19 -3.03 20.06
N PRO A 318 14.30 -3.78 20.29
CA PRO A 318 15.58 -3.37 19.71
C PRO A 318 15.84 -3.70 18.26
N PHE A 319 14.89 -4.37 17.59
CA PHE A 319 15.14 -5.02 16.31
C PHE A 319 15.40 -4.08 15.12
N HIS A 320 15.26 -2.75 15.28
CA HIS A 320 15.64 -1.84 14.19
C HIS A 320 16.92 -1.04 14.52
N GLY A 321 17.51 -1.25 15.71
CA GLY A 321 18.68 -0.49 16.14
C GLY A 321 18.38 1.00 16.10
N GLN A 322 17.15 1.39 16.56
CA GLN A 322 16.79 2.81 16.49
C GLN A 322 16.46 3.48 17.83
N GLY A 323 16.58 2.77 18.94
CA GLY A 323 16.25 3.38 20.24
C GLY A 323 17.09 4.61 20.55
N MET A 324 18.42 4.47 20.41
CA MET A 324 19.33 5.60 20.63
C MET A 324 19.11 6.66 19.57
N ASN A 325 18.99 6.23 18.29
CA ASN A 325 18.82 7.16 17.17
C ASN A 325 17.57 8.03 17.37
N CYS A 326 16.49 7.40 17.83
CA CYS A 326 15.25 8.11 18.10
C CYS A 326 15.42 9.05 19.31
N ALA A 327 16.09 8.55 20.38
CA ALA A 327 16.29 9.33 21.61
C ALA A 327 17.11 10.60 21.32
N LEU A 328 18.16 10.49 20.48
CA LEU A 328 18.98 11.66 20.14
C LEU A 328 18.20 12.64 19.28
N GLU A 329 17.38 12.12 18.34
CA GLU A 329 16.52 12.93 17.48
C GLU A 329 15.49 13.69 18.39
N ASP A 330 14.96 13.00 19.43
CA ASP A 330 14.04 13.62 20.40
C ASP A 330 14.74 14.76 21.12
N ALA A 331 16.01 14.55 21.54
CA ALA A 331 16.75 15.58 22.29
C ALA A 331 16.86 16.89 21.49
N VAL A 332 17.17 16.79 20.18
CA VAL A 332 17.25 17.96 19.30
C VAL A 332 15.91 18.65 19.25
N ALA A 333 14.82 17.89 18.97
CA ALA A 333 13.47 18.42 18.85
C ALA A 333 13.07 19.12 20.16
N LEU A 334 13.34 18.48 21.32
CA LEU A 334 12.99 19.08 22.61
C LEU A 334 13.71 20.41 22.85
N ALA A 335 15.03 20.44 22.61
CA ALA A 335 15.82 21.66 22.81
C ALA A 335 15.33 22.77 21.89
N GLU A 336 14.96 22.40 20.65
CA GLU A 336 14.47 23.39 19.67
C GLU A 336 13.15 24.02 20.12
N HIS A 337 12.20 23.18 20.55
CA HIS A 337 10.89 23.65 20.99
C HIS A 337 11.04 24.51 22.26
N LEU A 338 11.86 24.05 23.24
CA LEU A 338 12.05 24.80 24.48
C LEU A 338 12.69 26.15 24.24
N GLN A 339 13.66 26.18 23.33
CA GLN A 339 14.36 27.42 23.06
C GLN A 339 13.48 28.54 22.50
N SER A 340 12.58 28.18 21.57
CA SER A 340 11.77 29.12 20.79
CA SER A 340 11.78 29.15 20.80
C SER A 340 10.30 29.29 21.16
N ALA A 341 9.78 28.52 22.12
CA ALA A 341 8.34 28.63 22.42
C ALA A 341 7.99 29.83 23.26
N ALA A 342 6.68 30.19 23.31
CA ALA A 342 6.21 31.34 24.11
C ALA A 342 6.43 31.07 25.60
N ASP A 343 6.30 29.80 26.00
CA ASP A 343 6.43 29.32 27.38
C ASP A 343 6.64 27.83 27.36
N ASN A 344 6.99 27.25 28.52
CA ASN A 344 7.24 25.81 28.60
C ASN A 344 6.03 24.97 28.25
N ALA A 345 4.81 25.36 28.70
CA ALA A 345 3.60 24.57 28.39
C ALA A 345 3.42 24.42 26.87
N SER A 346 3.59 25.53 26.12
CA SER A 346 3.47 25.53 24.66
C SER A 346 4.57 24.65 24.04
N ALA A 347 5.81 24.78 24.53
CA ALA A 347 6.94 23.98 24.05
C ALA A 347 6.68 22.50 24.22
N LEU A 348 6.22 22.10 25.42
CA LEU A 348 6.04 20.68 25.71
C LEU A 348 4.91 20.05 24.91
N ALA A 349 3.81 20.79 24.74
CA ALA A 349 2.67 20.31 23.95
C ALA A 349 3.08 20.17 22.48
N ALA A 350 3.83 21.15 21.94
CA ALA A 350 4.27 21.11 20.54
C ALA A 350 5.30 20.00 20.30
N PHE A 351 6.20 19.78 21.29
CA PHE A 351 7.18 18.69 21.20
C PHE A 351 6.45 17.34 21.13
N THR A 352 5.51 17.12 22.05
CA THR A 352 4.72 15.89 22.11
C THR A 352 3.97 15.67 20.78
N ALA A 353 3.25 16.72 20.30
CA ALA A 353 2.47 16.61 19.07
C ALA A 353 3.35 16.24 17.88
N GLN A 354 4.56 16.80 17.83
CA GLN A 354 5.49 16.51 16.73
C GLN A 354 6.05 15.07 16.81
N ARG A 355 6.52 14.70 17.99
CA ARG A 355 7.29 13.46 18.15
C ARG A 355 6.50 12.17 18.37
N GLN A 356 5.36 12.25 19.07
CA GLN A 356 4.56 11.04 19.36
C GLN A 356 4.21 10.24 18.10
N PRO A 357 3.66 10.82 17.01
CA PRO A 357 3.35 9.97 15.84
C PRO A 357 4.61 9.28 15.25
N ASP A 358 5.77 9.98 15.29
CA ASP A 358 7.01 9.40 14.80
C ASP A 358 7.51 8.27 15.70
N ALA A 359 7.43 8.45 17.04
CA ALA A 359 7.81 7.41 18.00
C ALA A 359 6.87 6.18 17.81
N LEU A 360 5.56 6.42 17.59
CA LEU A 360 4.64 5.29 17.35
C LEU A 360 5.08 4.50 16.10
N ALA A 361 5.46 5.24 15.01
CA ALA A 361 5.90 4.64 13.75
C ALA A 361 7.15 3.78 13.92
N ILE A 362 8.18 4.30 14.62
CA ILE A 362 9.40 3.49 14.82
C ILE A 362 9.14 2.30 15.76
N GLN A 363 8.23 2.46 16.74
CA GLN A 363 7.86 1.32 17.62
C GLN A 363 7.26 0.19 16.78
N ALA A 364 6.41 0.55 15.80
CA ALA A 364 5.79 -0.44 14.91
C ALA A 364 6.81 -1.06 13.96
N MET A 365 7.67 -0.23 13.35
CA MET A 365 8.70 -0.73 12.42
C MET A 365 9.75 -1.59 13.09
N ALA A 366 10.07 -1.29 14.36
CA ALA A 366 11.03 -2.09 15.09
C ALA A 366 10.46 -3.50 15.37
N LEU A 367 9.16 -3.59 15.69
CA LEU A 367 8.51 -4.88 15.90
C LEU A 367 8.54 -5.69 14.60
N GLU A 368 8.27 -5.01 13.47
CA GLU A 368 8.26 -5.63 12.14
C GLU A 368 9.65 -6.13 11.69
N ASN A 369 10.73 -5.44 12.09
CA ASN A 369 12.07 -5.79 11.65
C ASN A 369 12.60 -7.14 12.21
N TYR A 370 11.99 -7.69 13.27
CA TYR A 370 12.43 -8.99 13.81
C TYR A 370 12.31 -10.06 12.71
N VAL A 371 11.13 -10.15 12.07
CA VAL A 371 10.94 -11.18 11.04
C VAL A 371 11.89 -10.97 9.85
N GLU A 372 12.24 -9.71 9.52
CA GLU A 372 13.17 -9.38 8.42
C GLU A 372 14.60 -9.82 8.69
N MET A 373 14.97 -10.00 9.97
CA MET A 373 16.32 -10.39 10.36
C MET A 373 16.48 -11.88 10.60
N SER A 374 15.52 -12.50 11.33
CA SER A 374 15.61 -13.89 11.77
C SER A 374 14.94 -14.94 10.88
N SER A 375 14.07 -14.55 9.94
CA SER A 375 13.46 -15.52 9.01
C SER A 375 14.44 -16.00 7.93
N SER A 379 12.88 -17.94 0.96
CA SER A 379 11.57 -17.41 0.61
C SER A 379 11.45 -17.22 -0.92
N PRO A 380 10.46 -17.85 -1.60
CA PRO A 380 10.38 -17.71 -3.07
C PRO A 380 9.64 -16.48 -3.61
N THR A 381 8.50 -16.09 -2.98
CA THR A 381 7.71 -14.93 -3.40
C THR A 381 8.43 -13.63 -3.01
N TYR A 382 9.10 -13.63 -1.83
CA TYR A 382 9.85 -12.49 -1.30
C TYR A 382 11.05 -12.11 -2.17
N LEU A 383 11.73 -13.12 -2.79
CA LEU A 383 12.87 -12.88 -3.68
C LEU A 383 12.43 -12.18 -4.98
N LEU A 384 11.26 -12.56 -5.53
CA LEU A 384 10.71 -11.94 -6.74
C LEU A 384 10.29 -10.49 -6.45
N GLU A 385 9.74 -10.24 -5.24
CA GLU A 385 9.36 -8.92 -4.74
C GLU A 385 10.59 -8.03 -4.62
N ARG A 386 11.68 -8.57 -4.00
CA ARG A 386 12.97 -7.91 -3.80
C ARG A 386 13.67 -7.64 -5.13
N GLU A 387 13.55 -8.59 -6.10
CA GLU A 387 14.12 -8.47 -7.45
C GLU A 387 13.44 -7.32 -8.17
N LEU A 388 12.09 -7.26 -8.09
CA LEU A 388 11.26 -6.21 -8.68
C LEU A 388 11.52 -4.86 -8.01
N GLY A 389 11.73 -4.88 -6.69
CA GLY A 389 12.05 -3.71 -5.88
C GLY A 389 13.35 -3.04 -6.27
N GLN A 390 14.39 -3.86 -6.59
CA GLN A 390 15.71 -3.37 -7.02
C GLN A 390 15.61 -2.64 -8.36
N ILE A 391 14.85 -3.19 -9.33
CA ILE A 391 14.62 -2.56 -10.63
C ILE A 391 13.89 -1.22 -10.45
N MET A 392 12.84 -1.21 -9.62
CA MET A 392 12.08 0.01 -9.32
C MET A 392 12.96 1.05 -8.64
N ALA A 393 13.87 0.62 -7.75
CA ALA A 393 14.82 1.51 -7.06
C ALA A 393 15.86 2.04 -8.07
N GLN A 394 16.28 1.20 -9.03
CA GLN A 394 17.23 1.56 -10.10
C GLN A 394 16.58 2.58 -11.06
N ARG A 395 15.33 2.33 -11.50
CA ARG A 395 14.55 3.19 -12.40
C ARG A 395 14.14 4.49 -11.71
N GLN A 396 13.86 4.42 -10.39
CA GLN A 396 13.37 5.55 -9.59
C GLN A 396 14.05 5.63 -8.20
N PRO A 397 15.34 6.09 -8.07
CA PRO A 397 15.99 6.12 -6.75
C PRO A 397 15.55 7.26 -5.84
N THR A 398 14.85 8.27 -6.40
CA THR A 398 14.36 9.41 -5.63
C THR A 398 12.94 9.11 -5.12
N ARG A 399 12.31 8.04 -5.65
CA ARG A 399 10.93 7.63 -5.32
C ARG A 399 10.86 6.32 -4.53
N PHE A 400 11.50 5.25 -5.05
CA PHE A 400 11.50 3.91 -4.47
C PHE A 400 12.76 3.72 -3.61
N ILE A 401 12.66 4.04 -2.31
CA ILE A 401 13.76 3.94 -1.35
C ILE A 401 13.36 2.86 -0.33
N PRO A 402 14.11 1.74 -0.25
CA PRO A 402 13.75 0.69 0.75
C PRO A 402 13.54 1.29 2.13
N ARG A 403 12.51 0.82 2.84
CA ARG A 403 12.17 1.30 4.17
C ARG A 403 13.36 1.31 5.13
N TYR A 404 14.19 0.23 5.11
CA TYR A 404 15.36 0.20 5.97
C TYR A 404 16.23 1.43 5.71
N SER A 405 16.44 1.78 4.40
CA SER A 405 17.26 2.95 4.07
C SER A 405 16.62 4.26 4.53
N MET A 406 15.29 4.42 4.38
CA MET A 406 14.62 5.65 4.83
C MET A 406 14.78 5.83 6.36
N VAL A 407 14.62 4.73 7.12
CA VAL A 407 14.75 4.79 8.60
C VAL A 407 16.22 5.03 8.99
N THR A 408 17.13 4.33 8.32
CA THR A 408 18.53 4.29 8.74
C THR A 408 19.36 5.45 8.21
N PHE A 409 19.22 5.80 6.90
CA PHE A 409 20.09 6.80 6.27
C PHE A 409 19.45 8.16 5.99
N SER A 410 18.18 8.33 6.32
CA SER A 410 17.50 9.61 6.09
C SER A 410 16.93 10.15 7.39
N ARG A 411 16.51 11.42 7.38
CA ARG A 411 15.90 12.07 8.53
C ARG A 411 14.43 12.32 8.26
N LEU A 412 13.87 11.62 7.25
CA LEU A 412 12.45 11.70 6.94
C LEU A 412 11.67 11.33 8.23
N PRO A 413 10.61 12.07 8.65
CA PRO A 413 9.87 11.66 9.87
C PRO A 413 9.53 10.17 9.81
N TYR A 414 9.77 9.43 10.92
CA TYR A 414 9.49 7.98 10.95
C TYR A 414 8.13 7.62 10.38
N ALA A 415 7.07 8.41 10.69
CA ALA A 415 5.71 8.15 10.21
C ALA A 415 5.64 8.18 8.68
N GLN A 416 6.44 9.07 8.05
CA GLN A 416 6.49 9.17 6.59
C GLN A 416 7.28 8.01 6.00
N ALA A 417 8.39 7.62 6.66
CA ALA A 417 9.19 6.46 6.23
C ALA A 417 8.28 5.21 6.25
N MET A 418 7.48 5.06 7.30
CA MET A 418 6.55 3.93 7.41
C MET A 418 5.45 3.99 6.33
N ALA A 419 4.87 5.18 6.10
CA ALA A 419 3.79 5.36 5.11
C ALA A 419 4.29 5.04 3.71
N ARG A 420 5.49 5.53 3.34
CA ARG A 420 6.07 5.25 2.03
C ARG A 420 6.44 3.77 1.92
N GLY A 421 6.94 3.19 3.03
CA GLY A 421 7.28 1.77 3.12
C GLY A 421 6.08 0.88 2.86
N GLN A 422 4.92 1.27 3.39
CA GLN A 422 3.66 0.54 3.20
C GLN A 422 3.23 0.57 1.74
N ILE A 423 3.30 1.75 1.09
CA ILE A 423 2.97 1.93 -0.33
C ILE A 423 3.87 1.01 -1.17
N GLN A 424 5.17 1.01 -0.87
CA GLN A 424 6.16 0.20 -1.58
C GLN A 424 5.92 -1.29 -1.41
N GLU A 425 5.67 -1.75 -0.16
CA GLU A 425 5.41 -3.16 0.17
C GLU A 425 4.15 -3.65 -0.55
N GLN A 426 3.08 -2.84 -0.52
CA GLN A 426 1.81 -3.16 -1.19
C GLN A 426 2.01 -3.28 -2.68
N LEU A 427 2.71 -2.30 -3.28
CA LEU A 427 3.05 -2.21 -4.71
C LEU A 427 3.73 -3.51 -5.16
N LEU A 428 4.78 -3.95 -4.43
CA LEU A 428 5.53 -5.18 -4.74
C LEU A 428 4.70 -6.44 -4.58
N LYS A 429 3.99 -6.56 -3.43
CA LYS A 429 3.11 -7.69 -3.10
C LYS A 429 2.05 -7.89 -4.21
N PHE A 430 1.41 -6.79 -4.63
CA PHE A 430 0.40 -6.79 -5.67
C PHE A 430 0.99 -7.17 -7.02
N ALA A 431 2.07 -6.47 -7.45
CA ALA A 431 2.75 -6.64 -8.74
C ALA A 431 3.25 -8.05 -9.04
N VAL A 432 3.68 -8.79 -8.01
CA VAL A 432 4.19 -10.15 -8.20
C VAL A 432 3.05 -11.19 -8.22
N ALA A 433 1.95 -10.93 -7.49
CA ALA A 433 0.79 -11.82 -7.39
C ALA A 433 0.35 -12.35 -8.76
N ASN A 434 0.26 -13.70 -8.88
CA ASN A 434 -0.09 -14.46 -10.09
C ASN A 434 0.99 -14.35 -11.19
N HIS A 435 2.27 -14.27 -10.80
CA HIS A 435 3.41 -14.21 -11.71
C HIS A 435 4.55 -15.09 -11.18
N SER A 436 5.00 -16.03 -12.03
CA SER A 436 6.07 -16.99 -11.70
C SER A 436 7.45 -16.33 -11.69
N ASP A 437 7.71 -15.41 -12.64
CA ASP A 437 9.00 -14.73 -12.75
C ASP A 437 8.90 -13.30 -13.31
N LEU A 438 10.04 -12.60 -13.32
CA LEU A 438 10.25 -11.23 -13.77
C LEU A 438 9.88 -10.96 -15.24
N THR A 439 9.90 -12.00 -16.10
CA THR A 439 9.58 -11.89 -17.54
C THR A 439 8.10 -11.58 -17.78
N SER A 440 7.19 -12.19 -16.98
CA SER A 440 5.75 -11.99 -17.10
C SER A 440 5.26 -10.69 -16.45
N ILE A 441 6.10 -10.05 -15.60
CA ILE A 441 5.79 -8.79 -14.92
C ILE A 441 6.12 -7.61 -15.85
N ASN A 442 5.12 -6.74 -16.12
CA ASN A 442 5.28 -5.55 -16.94
C ASN A 442 5.91 -4.45 -16.07
N LEU A 443 7.24 -4.28 -16.22
CA LEU A 443 8.06 -3.32 -15.46
C LEU A 443 7.60 -1.86 -15.57
N ASP A 444 7.17 -1.42 -16.76
CA ASP A 444 6.72 -0.04 -16.99
C ASP A 444 5.39 0.28 -16.27
N ALA A 445 4.52 -0.74 -16.11
CA ALA A 445 3.25 -0.62 -15.40
C ALA A 445 3.50 -0.43 -13.89
N VAL A 446 4.43 -1.23 -13.32
CA VAL A 446 4.81 -1.13 -11.90
C VAL A 446 5.46 0.24 -11.64
N GLU A 447 6.34 0.69 -12.58
CA GLU A 447 7.03 1.98 -12.53
C GLU A 447 6.04 3.14 -12.57
N HIS A 448 4.96 3.01 -13.38
CA HIS A 448 3.90 4.02 -13.45
C HIS A 448 3.24 4.17 -12.08
N GLU A 449 3.01 3.06 -11.36
CA GLU A 449 2.43 3.09 -10.02
C GLU A 449 3.39 3.74 -9.01
N VAL A 450 4.72 3.57 -9.23
CA VAL A 450 5.76 4.19 -8.40
C VAL A 450 5.70 5.73 -8.57
N THR A 451 5.63 6.21 -9.84
CA THR A 451 5.54 7.65 -10.16
C THR A 451 4.22 8.26 -9.67
N ARG A 452 3.13 7.47 -9.73
CA ARG A 452 1.80 7.90 -9.31
C ARG A 452 1.63 7.98 -7.79
N CYS A 453 2.22 7.03 -7.03
CA CYS A 453 2.01 6.93 -5.59
C CYS A 453 3.18 7.37 -4.72
N LEU A 454 4.40 7.49 -5.27
CA LEU A 454 5.53 7.92 -4.46
C LEU A 454 6.16 9.24 -4.94
N PRO A 455 5.89 10.37 -4.23
CA PRO A 455 6.51 11.64 -4.65
C PRO A 455 8.03 11.61 -4.49
N PRO A 456 8.80 12.35 -5.33
CA PRO A 456 10.26 12.34 -5.14
C PRO A 456 10.65 13.12 -3.88
N LEU A 457 11.69 12.66 -3.19
CA LEU A 457 12.16 13.30 -1.95
C LEU A 457 13.44 14.09 -2.19
N ALA B 7 -24.13 -35.13 -11.09
CA ALA B 7 -24.01 -33.76 -11.61
C ALA B 7 -23.38 -32.80 -10.59
N ARG B 8 -22.40 -32.00 -11.04
CA ARG B 8 -21.74 -31.00 -10.20
C ARG B 8 -22.70 -29.86 -9.90
N GLN B 9 -22.61 -29.33 -8.68
CA GLN B 9 -23.53 -28.31 -8.17
C GLN B 9 -22.85 -26.98 -7.99
N VAL B 10 -23.60 -25.91 -8.22
CA VAL B 10 -23.08 -24.56 -8.06
C VAL B 10 -24.17 -23.60 -7.62
N THR B 11 -23.79 -22.67 -6.77
CA THR B 11 -24.68 -21.62 -6.28
C THR B 11 -24.07 -20.32 -6.79
N ILE B 12 -24.87 -19.52 -7.49
CA ILE B 12 -24.41 -18.24 -7.99
C ILE B 12 -25.19 -17.12 -7.30
N ILE B 13 -24.47 -16.09 -6.86
CA ILE B 13 -25.11 -14.92 -6.24
C ILE B 13 -25.05 -13.80 -7.24
N GLY B 14 -26.21 -13.33 -7.65
CA GLY B 14 -26.32 -12.22 -8.58
C GLY B 14 -26.72 -12.66 -9.97
N ALA B 15 -27.99 -12.39 -10.32
CA ALA B 15 -28.52 -12.69 -11.64
C ALA B 15 -28.38 -11.43 -12.52
N GLY B 16 -27.14 -10.94 -12.59
CA GLY B 16 -26.75 -9.80 -13.42
C GLY B 16 -26.21 -10.34 -14.73
N LEU B 17 -25.25 -9.68 -15.33
CA LEU B 17 -24.77 -10.11 -16.64
C LEU B 17 -23.85 -11.34 -16.59
N ALA B 18 -22.81 -11.31 -15.73
CA ALA B 18 -21.91 -12.44 -15.62
C ALA B 18 -22.61 -13.65 -14.98
N GLY B 19 -23.40 -13.41 -13.94
CA GLY B 19 -24.06 -14.49 -13.19
C GLY B 19 -25.02 -15.29 -14.03
N THR B 20 -25.82 -14.59 -14.83
CA THR B 20 -26.83 -15.25 -15.63
CA THR B 20 -26.81 -15.26 -15.67
C THR B 20 -26.14 -16.00 -16.80
N LEU B 21 -25.08 -15.39 -17.39
CA LEU B 21 -24.35 -16.04 -18.47
C LEU B 21 -23.67 -17.31 -17.97
N VAL B 22 -22.95 -17.21 -16.84
CA VAL B 22 -22.28 -18.41 -16.33
C VAL B 22 -23.32 -19.49 -15.95
N ALA B 23 -24.49 -19.07 -15.41
CA ALA B 23 -25.58 -20.01 -15.07
C ALA B 23 -26.02 -20.79 -16.32
N ARG B 24 -26.21 -20.10 -17.44
CA ARG B 24 -26.61 -20.78 -18.70
C ARG B 24 -25.54 -21.75 -19.19
N LEU B 25 -24.29 -21.28 -19.24
CA LEU B 25 -23.18 -22.13 -19.73
C LEU B 25 -22.99 -23.39 -18.89
N LEU B 26 -23.06 -23.25 -17.56
CA LEU B 26 -22.91 -24.40 -16.67
C LEU B 26 -24.14 -25.32 -16.73
N ALA B 27 -25.36 -24.74 -16.68
CA ALA B 27 -26.59 -25.57 -16.72
C ALA B 27 -26.70 -26.38 -18.02
N ARG B 28 -26.31 -25.79 -19.15
CA ARG B 28 -26.42 -26.57 -20.39
C ARG B 28 -25.35 -27.68 -20.46
N ASN B 29 -24.32 -27.59 -19.61
CA ASN B 29 -23.29 -28.63 -19.48
C ASN B 29 -23.69 -29.63 -18.38
N GLY B 30 -24.94 -29.58 -17.94
CA GLY B 30 -25.48 -30.51 -16.96
C GLY B 30 -25.22 -30.20 -15.49
N TRP B 31 -24.67 -29.02 -15.17
CA TRP B 31 -24.48 -28.66 -13.76
C TRP B 31 -25.84 -28.38 -13.12
N GLN B 32 -25.97 -28.63 -11.81
CA GLN B 32 -27.19 -28.25 -11.07
C GLN B 32 -26.89 -26.79 -10.65
N VAL B 33 -27.63 -25.83 -11.21
CA VAL B 33 -27.36 -24.41 -10.96
C VAL B 33 -28.51 -23.76 -10.21
N ASN B 34 -28.19 -23.11 -9.10
CA ASN B 34 -29.13 -22.28 -8.34
C ASN B 34 -28.56 -20.87 -8.32
N LEU B 35 -29.36 -19.92 -8.78
CA LEU B 35 -28.92 -18.53 -8.88
C LEU B 35 -29.81 -17.69 -7.97
N PHE B 36 -29.20 -16.93 -7.04
CA PHE B 36 -29.94 -16.09 -6.08
C PHE B 36 -29.75 -14.62 -6.41
N GLU B 37 -30.86 -13.88 -6.49
CA GLU B 37 -30.79 -12.47 -6.89
C GLU B 37 -31.55 -11.64 -5.87
N ARG B 38 -30.96 -10.51 -5.43
CA ARG B 38 -31.63 -9.71 -4.41
C ARG B 38 -32.85 -8.96 -4.93
N ARG B 39 -32.81 -8.56 -6.21
CA ARG B 39 -33.88 -7.79 -6.81
C ARG B 39 -35.06 -8.67 -7.22
N PRO B 40 -36.23 -8.08 -7.53
CA PRO B 40 -37.34 -8.88 -8.07
C PRO B 40 -37.03 -9.30 -9.50
N ASP B 41 -37.81 -10.25 -10.03
CA ASP B 41 -37.67 -10.69 -11.42
C ASP B 41 -38.13 -9.54 -12.33
N PRO B 42 -37.24 -8.95 -13.17
CA PRO B 42 -37.67 -7.82 -14.02
C PRO B 42 -38.67 -8.24 -15.09
N ARG B 43 -38.82 -9.57 -15.33
CA ARG B 43 -39.77 -10.11 -16.30
C ARG B 43 -41.21 -10.03 -15.79
N ILE B 44 -41.36 -9.82 -14.47
CA ILE B 44 -42.68 -9.69 -13.87
C ILE B 44 -43.10 -8.24 -14.07
N GLU B 45 -44.02 -8.00 -15.01
CA GLU B 45 -44.47 -6.65 -15.31
C GLU B 45 -45.21 -6.02 -14.13
N THR B 46 -44.81 -4.80 -13.78
CA THR B 46 -45.45 -4.04 -12.69
C THR B 46 -45.89 -2.69 -13.26
N GLY B 47 -46.41 -1.83 -12.41
CA GLY B 47 -46.80 -0.49 -12.84
C GLY B 47 -45.69 0.52 -12.66
N ALA B 48 -44.48 0.08 -12.29
CA ALA B 48 -43.35 0.96 -12.03
C ALA B 48 -42.74 1.53 -13.32
N ARG B 49 -42.17 2.74 -13.24
CA ARG B 49 -41.52 3.43 -14.36
C ARG B 49 -40.07 2.93 -14.47
N GLY B 50 -39.84 2.05 -15.44
CA GLY B 50 -38.54 1.44 -15.71
C GLY B 50 -37.53 2.36 -16.38
N ARG B 51 -36.90 3.23 -15.58
CA ARG B 51 -35.84 4.14 -16.07
C ARG B 51 -34.57 3.26 -16.28
N SER B 52 -34.39 2.76 -17.51
CA SER B 52 -33.27 1.87 -17.84
C SER B 52 -32.25 2.52 -18.78
N ILE B 53 -30.97 2.17 -18.57
CA ILE B 53 -29.88 2.69 -19.38
C ILE B 53 -29.40 1.69 -20.42
N ASN B 54 -28.56 2.15 -21.33
CA ASN B 54 -28.01 1.35 -22.41
C ASN B 54 -26.52 1.13 -22.20
N LEU B 55 -26.02 0.02 -22.74
CA LEU B 55 -24.64 -0.39 -22.64
C LEU B 55 -24.07 -0.59 -24.03
N ALA B 56 -22.77 -0.35 -24.20
CA ALA B 56 -22.11 -0.59 -25.46
C ALA B 56 -21.52 -1.99 -25.45
N LEU B 57 -22.14 -2.86 -26.23
CA LEU B 57 -21.72 -4.24 -26.40
C LEU B 57 -20.73 -4.29 -27.53
N ALA B 58 -19.57 -4.92 -27.29
CA ALA B 58 -18.52 -5.04 -28.29
C ALA B 58 -18.18 -6.51 -28.51
N GLU B 59 -17.13 -6.81 -29.28
CA GLU B 59 -16.80 -8.19 -29.65
C GLU B 59 -16.65 -9.16 -28.47
N ARG B 60 -16.02 -8.77 -27.36
CA ARG B 60 -15.83 -9.69 -26.23
C ARG B 60 -17.17 -10.11 -25.64
N GLY B 61 -18.07 -9.15 -25.45
CA GLY B 61 -19.39 -9.47 -24.92
C GLY B 61 -20.21 -10.22 -25.97
N ALA B 62 -20.18 -9.76 -27.23
CA ALA B 62 -20.96 -10.38 -28.30
C ALA B 62 -20.55 -11.84 -28.54
N HIS B 63 -19.23 -12.11 -28.49
CA HIS B 63 -18.71 -13.46 -28.66
C HIS B 63 -19.14 -14.35 -27.49
N ALA B 64 -19.16 -13.81 -26.24
CA ALA B 64 -19.61 -14.57 -25.08
C ALA B 64 -21.08 -14.97 -25.28
N LEU B 65 -21.91 -14.03 -25.78
CA LEU B 65 -23.31 -14.32 -26.05
C LEU B 65 -23.44 -15.33 -27.20
N ARG B 66 -22.58 -15.22 -28.22
CA ARG B 66 -22.55 -16.12 -29.38
C ARG B 66 -22.30 -17.56 -28.93
N LEU B 67 -21.33 -17.76 -28.02
CA LEU B 67 -21.00 -19.08 -27.47
C LEU B 67 -22.21 -19.63 -26.72
N ALA B 68 -22.99 -18.76 -26.06
CA ALA B 68 -24.17 -19.13 -25.29
C ALA B 68 -25.43 -19.28 -26.17
N GLY B 69 -25.33 -18.98 -27.46
CA GLY B 69 -26.44 -19.08 -28.39
C GLY B 69 -27.47 -17.97 -28.22
N LEU B 70 -27.06 -16.84 -27.63
CA LEU B 70 -27.98 -15.72 -27.36
C LEU B 70 -27.70 -14.46 -28.16
N GLU B 71 -26.61 -14.44 -28.96
CA GLU B 71 -26.24 -13.23 -29.67
C GLU B 71 -27.31 -12.71 -30.62
N ARG B 72 -27.91 -13.58 -31.46
CA ARG B 72 -28.93 -13.14 -32.41
C ARG B 72 -30.08 -12.43 -31.71
N GLU B 73 -30.59 -13.04 -30.62
CA GLU B 73 -31.68 -12.48 -29.84
C GLU B 73 -31.31 -11.08 -29.27
N VAL B 74 -30.10 -10.95 -28.71
CA VAL B 74 -29.65 -9.68 -28.13
C VAL B 74 -29.49 -8.61 -29.23
N LEU B 75 -28.83 -8.97 -30.35
CA LEU B 75 -28.58 -8.00 -31.43
C LEU B 75 -29.86 -7.51 -32.11
N ALA B 76 -30.92 -8.34 -32.09
CA ALA B 76 -32.22 -7.97 -32.66
C ALA B 76 -32.78 -6.73 -31.94
N GLU B 77 -32.38 -6.52 -30.67
CA GLU B 77 -32.80 -5.42 -29.81
C GLU B 77 -31.67 -4.40 -29.62
N ALA B 78 -30.65 -4.36 -30.50
CA ALA B 78 -29.53 -3.44 -30.33
C ALA B 78 -29.39 -2.46 -31.47
N VAL B 79 -28.97 -1.22 -31.16
CA VAL B 79 -28.76 -0.18 -32.17
C VAL B 79 -27.32 -0.29 -32.62
N MET B 80 -27.13 -0.38 -33.94
CA MET B 80 -25.81 -0.45 -34.52
C MET B 80 -25.08 0.89 -34.42
N MET B 81 -23.86 0.90 -33.86
CA MET B 81 -23.09 2.13 -33.79
C MET B 81 -21.90 1.91 -34.71
N ARG B 82 -21.95 2.52 -35.89
CA ARG B 82 -20.96 2.35 -36.95
C ARG B 82 -19.68 3.12 -36.73
N GLY B 83 -19.72 4.07 -35.83
CA GLY B 83 -18.58 4.92 -35.57
C GLY B 83 -18.79 5.80 -34.38
N ARG B 84 -17.75 6.57 -34.08
CA ARG B 84 -17.74 7.52 -32.99
CA ARG B 84 -17.68 7.52 -32.99
C ARG B 84 -17.98 8.91 -33.60
N MET B 85 -19.06 9.57 -33.14
CA MET B 85 -19.40 10.89 -33.64
C MET B 85 -18.82 11.85 -32.60
N VAL B 86 -17.71 12.52 -32.97
CA VAL B 86 -17.01 13.44 -32.07
C VAL B 86 -17.52 14.86 -32.25
N HIS B 87 -17.98 15.48 -31.16
CA HIS B 87 -18.51 16.84 -31.18
C HIS B 87 -17.45 17.74 -30.55
N VAL B 88 -16.57 18.31 -31.40
CA VAL B 88 -15.48 19.18 -30.94
C VAL B 88 -15.87 20.62 -31.30
N PRO B 89 -15.97 21.56 -30.33
CA PRO B 89 -16.39 22.94 -30.69
C PRO B 89 -15.54 23.58 -31.79
N GLY B 90 -16.19 24.28 -32.70
CA GLY B 90 -15.54 24.92 -33.83
C GLY B 90 -15.71 24.19 -35.15
N THR B 91 -15.89 22.85 -35.08
CA THR B 91 -16.05 22.01 -36.28
C THR B 91 -17.41 21.30 -36.27
N PRO B 92 -18.01 20.97 -37.43
CA PRO B 92 -19.27 20.17 -37.40
C PRO B 92 -18.97 18.79 -36.80
N PRO B 93 -19.94 18.07 -36.20
CA PRO B 93 -19.64 16.72 -35.66
C PRO B 93 -19.00 15.81 -36.70
N ASN B 94 -17.93 15.11 -36.27
CA ASN B 94 -17.13 14.27 -37.13
C ASN B 94 -17.32 12.79 -36.84
N LEU B 95 -17.71 12.05 -37.87
CA LEU B 95 -17.89 10.60 -37.73
C LEU B 95 -16.63 9.84 -38.04
N GLN B 96 -16.08 9.16 -37.04
CA GLN B 96 -14.89 8.33 -37.16
C GLN B 96 -15.35 6.87 -37.19
N PRO B 97 -15.44 6.23 -38.39
CA PRO B 97 -15.91 4.84 -38.45
C PRO B 97 -15.06 3.89 -37.61
N TYR B 98 -15.66 2.79 -37.14
CA TYR B 98 -14.96 1.80 -36.33
C TYR B 98 -14.11 0.82 -37.12
N GLY B 99 -13.02 0.40 -36.50
CA GLY B 99 -12.06 -0.59 -36.99
C GLY B 99 -11.63 -0.48 -38.43
N ARG B 100 -11.26 -1.64 -39.01
CA ARG B 100 -10.79 -1.78 -40.38
C ARG B 100 -11.90 -1.51 -41.41
N ASP B 101 -13.12 -2.10 -41.22
CA ASP B 101 -14.24 -1.91 -42.14
C ASP B 101 -15.65 -2.05 -41.47
N ASP B 102 -16.72 -1.96 -42.30
CA ASP B 102 -18.15 -2.01 -41.95
C ASP B 102 -18.61 -3.11 -40.95
N SER B 103 -17.82 -4.20 -40.76
CA SER B 103 -18.15 -5.32 -39.86
C SER B 103 -17.77 -5.04 -38.41
N GLU B 104 -16.93 -3.99 -38.24
CA GLU B 104 -16.48 -3.57 -36.93
C GLU B 104 -17.41 -2.48 -36.45
N VAL B 105 -18.34 -2.89 -35.63
CA VAL B 105 -19.34 -1.99 -35.05
C VAL B 105 -19.49 -2.37 -33.60
N ILE B 106 -20.12 -1.48 -32.84
CA ILE B 106 -20.45 -1.65 -31.43
C ILE B 106 -21.96 -1.52 -31.38
N TRP B 107 -22.58 -2.15 -30.39
CA TRP B 107 -24.01 -2.22 -30.29
C TRP B 107 -24.51 -1.57 -29.04
N SER B 108 -25.54 -0.74 -29.18
CA SER B 108 -26.12 -0.11 -28.00
C SER B 108 -27.34 -0.95 -27.59
N ILE B 109 -27.27 -1.56 -26.42
CA ILE B 109 -28.34 -2.45 -25.93
C ILE B 109 -28.88 -1.93 -24.61
N ASN B 110 -30.20 -2.01 -24.44
CA ASN B 110 -30.85 -1.61 -23.19
C ASN B 110 -30.52 -2.70 -22.14
N ARG B 111 -30.05 -2.29 -20.96
CA ARG B 111 -29.66 -3.23 -19.90
C ARG B 111 -30.77 -4.24 -19.53
N ASP B 112 -31.98 -3.75 -19.29
CA ASP B 112 -33.13 -4.56 -18.89
C ASP B 112 -33.49 -5.58 -19.94
N ARG B 113 -33.46 -5.19 -21.25
CA ARG B 113 -33.74 -6.13 -22.37
C ARG B 113 -32.69 -7.25 -22.34
N LEU B 114 -31.41 -6.88 -22.18
CA LEU B 114 -30.33 -7.86 -22.12
C LEU B 114 -30.52 -8.80 -20.90
N ASN B 115 -30.85 -8.23 -19.73
CA ASN B 115 -31.01 -9.08 -18.57
C ASN B 115 -32.21 -10.05 -18.71
N ARG B 116 -33.33 -9.64 -19.33
CA ARG B 116 -34.46 -10.55 -19.56
C ARG B 116 -34.08 -11.69 -20.50
N ILE B 117 -33.31 -11.39 -21.56
CA ILE B 117 -32.84 -12.41 -22.51
C ILE B 117 -31.93 -13.41 -21.77
N LEU B 118 -31.02 -12.90 -20.94
CA LEU B 118 -30.10 -13.74 -20.17
C LEU B 118 -30.85 -14.60 -19.18
N LEU B 119 -31.83 -14.03 -18.46
CA LEU B 119 -32.64 -14.78 -17.50
C LEU B 119 -33.38 -15.91 -18.17
N ASP B 120 -34.05 -15.64 -19.29
CA ASP B 120 -34.77 -16.65 -20.06
C ASP B 120 -33.79 -17.74 -20.51
N GLY B 121 -32.61 -17.32 -20.99
CA GLY B 121 -31.55 -18.23 -21.44
C GLY B 121 -31.06 -19.16 -20.34
N ALA B 122 -30.83 -18.63 -19.13
CA ALA B 122 -30.35 -19.44 -17.99
C ALA B 122 -31.41 -20.48 -17.62
N GLU B 123 -32.69 -20.07 -17.56
CA GLU B 123 -33.79 -20.98 -17.23
C GLU B 123 -34.02 -22.04 -18.30
N ALA B 124 -33.90 -21.65 -19.58
CA ALA B 124 -34.07 -22.60 -20.70
C ALA B 124 -33.00 -23.70 -20.63
N ALA B 125 -31.80 -23.38 -20.12
CA ALA B 125 -30.67 -24.32 -19.97
C ALA B 125 -30.79 -25.20 -18.73
N GLY B 126 -31.75 -24.88 -17.85
CA GLY B 126 -32.02 -25.68 -16.66
C GLY B 126 -31.64 -25.05 -15.33
N ALA B 127 -31.13 -23.81 -15.33
CA ALA B 127 -30.81 -23.14 -14.06
C ALA B 127 -32.09 -22.73 -13.32
N SER B 128 -32.05 -22.76 -11.99
CA SER B 128 -33.18 -22.31 -11.16
C SER B 128 -32.78 -20.94 -10.62
N ILE B 129 -33.64 -19.95 -10.82
CA ILE B 129 -33.37 -18.57 -10.38
C ILE B 129 -34.32 -18.19 -9.27
N HIS B 130 -33.78 -17.71 -8.16
CA HIS B 130 -34.53 -17.35 -6.97
C HIS B 130 -34.33 -15.89 -6.73
N PHE B 131 -35.39 -15.10 -6.93
CA PHE B 131 -35.30 -13.67 -6.78
C PHE B 131 -35.70 -13.23 -5.39
N ASN B 132 -35.54 -11.95 -5.07
CA ASN B 132 -35.92 -11.33 -3.80
C ASN B 132 -35.19 -11.97 -2.62
N LEU B 133 -33.94 -12.41 -2.85
CA LEU B 133 -33.12 -13.04 -1.82
C LEU B 133 -31.72 -12.48 -1.92
N GLY B 134 -31.34 -11.69 -0.93
CA GLY B 134 -30.03 -11.07 -0.90
C GLY B 134 -29.09 -11.86 -0.01
N LEU B 135 -27.85 -12.05 -0.46
CA LEU B 135 -26.86 -12.73 0.37
C LEU B 135 -26.43 -11.80 1.50
N ASP B 136 -26.53 -12.28 2.74
CA ASP B 136 -26.14 -11.52 3.92
C ASP B 136 -24.79 -11.94 4.47
N SER B 137 -24.49 -13.25 4.44
CA SER B 137 -23.25 -13.76 5.03
C SER B 137 -22.96 -15.18 4.54
N VAL B 138 -21.71 -15.58 4.68
CA VAL B 138 -21.25 -16.91 4.27
C VAL B 138 -20.46 -17.54 5.42
N ASP B 139 -20.72 -18.80 5.70
CA ASP B 139 -19.94 -19.54 6.69
C ASP B 139 -19.13 -20.52 5.86
N PHE B 140 -17.87 -20.18 5.59
CA PHE B 140 -17.01 -21.03 4.77
C PHE B 140 -16.67 -22.36 5.41
N ALA B 141 -16.51 -22.39 6.73
CA ALA B 141 -16.19 -23.62 7.46
C ALA B 141 -17.31 -24.68 7.31
N ARG B 142 -18.57 -24.25 7.45
CA ARG B 142 -19.75 -25.11 7.31
C ARG B 142 -20.29 -25.18 5.89
N GLN B 143 -19.75 -24.36 4.96
CA GLN B 143 -20.27 -24.25 3.59
C GLN B 143 -21.79 -23.99 3.60
N ARG B 144 -22.17 -22.96 4.35
CA ARG B 144 -23.53 -22.51 4.47
C ARG B 144 -23.55 -21.03 4.19
N LEU B 145 -24.68 -20.53 3.76
CA LEU B 145 -24.82 -19.10 3.54
C LEU B 145 -26.17 -18.66 4.07
N THR B 146 -26.31 -17.38 4.30
CA THR B 146 -27.54 -16.82 4.80
C THR B 146 -28.02 -15.79 3.81
N LEU B 147 -29.29 -15.90 3.44
CA LEU B 147 -29.96 -14.98 2.54
C LEU B 147 -31.12 -14.35 3.29
N SER B 148 -31.59 -13.20 2.84
CA SER B 148 -32.77 -12.59 3.43
C SER B 148 -33.63 -11.94 2.37
N ASN B 149 -34.95 -11.99 2.58
CA ASN B 149 -35.93 -11.35 1.70
C ASN B 149 -36.10 -9.88 2.13
N VAL B 150 -36.90 -9.07 1.40
CA VAL B 150 -37.13 -7.65 1.69
C VAL B 150 -37.74 -7.45 3.11
N SER B 151 -38.56 -8.42 3.59
CA SER B 151 -39.15 -8.38 4.93
C SER B 151 -38.11 -8.62 6.05
N GLY B 152 -36.90 -9.06 5.68
CA GLY B 152 -35.81 -9.32 6.61
C GLY B 152 -35.75 -10.73 7.18
N GLU B 153 -36.66 -11.62 6.73
CA GLU B 153 -36.67 -13.03 7.17
C GLU B 153 -35.43 -13.71 6.58
N ARG B 154 -34.66 -14.42 7.41
CA ARG B 154 -33.46 -15.12 6.98
C ARG B 154 -33.70 -16.56 6.57
N LEU B 155 -32.92 -17.03 5.60
CA LEU B 155 -32.98 -18.37 5.05
C LEU B 155 -31.54 -18.87 4.87
N GLU B 156 -31.24 -20.05 5.41
CA GLU B 156 -29.90 -20.63 5.30
C GLU B 156 -29.90 -21.68 4.21
N LYS B 157 -28.78 -21.78 3.48
CA LYS B 157 -28.63 -22.76 2.42
C LYS B 157 -27.25 -23.34 2.50
N ARG B 158 -27.12 -24.63 2.18
CA ARG B 158 -25.84 -25.28 2.04
C ARG B 158 -25.37 -24.94 0.62
N PHE B 159 -24.05 -24.87 0.40
CA PHE B 159 -23.51 -24.66 -0.95
C PHE B 159 -22.28 -25.57 -1.09
N HIS B 160 -21.99 -25.97 -2.34
CA HIS B 160 -20.84 -26.81 -2.66
CA HIS B 160 -20.83 -26.80 -2.67
C HIS B 160 -19.78 -25.92 -3.34
N LEU B 161 -20.20 -25.01 -4.23
CA LEU B 161 -19.35 -24.07 -4.92
C LEU B 161 -20.12 -22.75 -4.99
N LEU B 162 -19.46 -21.66 -4.62
CA LEU B 162 -20.13 -20.36 -4.58
C LEU B 162 -19.52 -19.41 -5.59
N ILE B 163 -20.34 -18.86 -6.47
CA ILE B 163 -19.88 -17.88 -7.45
C ILE B 163 -20.44 -16.53 -7.08
N GLY B 164 -19.54 -15.58 -6.83
CA GLY B 164 -19.93 -14.21 -6.53
C GLY B 164 -19.99 -13.41 -7.81
N ALA B 165 -21.21 -13.28 -8.40
CA ALA B 165 -21.44 -12.50 -9.63
C ALA B 165 -22.38 -11.35 -9.18
N ASP B 166 -22.11 -10.84 -7.98
CA ASP B 166 -22.99 -9.92 -7.28
C ASP B 166 -22.54 -8.45 -7.32
N GLY B 167 -21.86 -8.07 -8.38
CA GLY B 167 -21.61 -6.66 -8.67
C GLY B 167 -20.54 -5.95 -7.90
N OCS B 168 -20.41 -4.63 -8.16
CA OCS B 168 -19.33 -3.81 -7.63
CB OCS B 168 -19.12 -2.53 -8.39
SG OCS B 168 -20.36 -1.35 -7.86
C OCS B 168 -19.24 -3.79 -6.12
O OCS B 168 -18.13 -3.59 -5.60
OD1 OCS B 168 -21.74 -1.99 -7.84
OD2 OCS B 168 -20.16 -0.96 -6.48
OD3 OCS B 168 -20.44 -0.19 -8.77
N ASN B 169 -20.38 -3.93 -5.43
CA ASN B 169 -20.41 -3.94 -3.97
C ASN B 169 -20.71 -5.36 -3.43
N SER B 170 -20.16 -6.36 -4.12
CA SER B 170 -20.31 -7.78 -3.83
C SER B 170 -20.34 -8.16 -2.33
N ALA B 171 -21.42 -8.82 -1.92
CA ALA B 171 -21.55 -9.42 -0.59
C ALA B 171 -20.64 -10.68 -0.51
N VAL B 172 -20.48 -11.44 -1.63
CA VAL B 172 -19.59 -12.61 -1.62
C VAL B 172 -18.15 -12.14 -1.36
N ARG B 173 -17.72 -11.05 -2.02
CA ARG B 173 -16.36 -10.52 -1.81
C ARG B 173 -16.16 -10.14 -0.35
N GLN B 174 -17.15 -9.44 0.22
CA GLN B 174 -17.14 -9.01 1.63
C GLN B 174 -16.99 -10.25 2.52
N ALA B 175 -17.77 -11.32 2.23
CA ALA B 175 -17.69 -12.56 3.02
C ALA B 175 -16.31 -13.20 2.90
N MET B 176 -15.74 -13.26 1.68
CA MET B 176 -14.42 -13.85 1.42
C MET B 176 -13.31 -13.14 2.19
N ALA B 177 -13.40 -11.80 2.31
CA ALA B 177 -12.41 -10.96 3.01
C ALA B 177 -12.25 -11.35 4.48
N SER B 178 -13.25 -12.04 5.03
CA SER B 178 -13.23 -12.50 6.41
C SER B 178 -12.41 -13.79 6.61
N VAL B 179 -12.13 -14.55 5.52
CA VAL B 179 -11.37 -15.81 5.62
C VAL B 179 -10.02 -15.76 4.88
N VAL B 180 -9.88 -14.83 3.94
CA VAL B 180 -8.64 -14.68 3.15
C VAL B 180 -8.35 -13.20 2.95
N ASP B 181 -7.06 -12.84 2.81
CA ASP B 181 -6.67 -11.48 2.51
C ASP B 181 -6.79 -11.40 1.00
N LEU B 182 -7.76 -10.62 0.51
CA LEU B 182 -7.98 -10.50 -0.93
C LEU B 182 -7.02 -9.51 -1.58
N GLY B 183 -6.20 -8.86 -0.76
CA GLY B 183 -5.21 -7.88 -1.18
C GLY B 183 -5.88 -6.76 -1.93
N GLU B 184 -6.99 -6.25 -1.37
CA GLU B 184 -7.82 -5.22 -1.99
C GLU B 184 -7.17 -3.88 -1.97
N HIS B 185 -7.24 -3.17 -3.11
CA HIS B 185 -6.71 -1.82 -3.25
C HIS B 185 -7.73 -1.00 -4.00
N LEU B 186 -8.36 -0.05 -3.31
CA LEU B 186 -9.39 0.80 -3.89
C LEU B 186 -8.74 2.10 -4.37
N GLU B 187 -8.97 2.43 -5.64
CA GLU B 187 -8.45 3.66 -6.21
C GLU B 187 -9.65 4.51 -6.52
N THR B 188 -9.83 5.57 -5.73
CA THR B 188 -10.94 6.50 -5.91
C THR B 188 -10.75 7.25 -7.23
N GLN B 189 -11.86 7.71 -7.81
CA GLN B 189 -11.80 8.44 -9.04
C GLN B 189 -12.43 9.83 -8.83
N PRO B 190 -11.76 10.93 -9.26
CA PRO B 190 -12.31 12.27 -9.00
C PRO B 190 -13.59 12.65 -9.76
N HIS B 191 -13.94 11.94 -10.84
CA HIS B 191 -15.15 12.27 -11.60
C HIS B 191 -16.39 11.60 -11.05
N GLY B 192 -17.42 12.39 -10.93
CA GLY B 192 -18.75 11.87 -10.65
C GLY B 192 -19.44 11.77 -12.00
N TYR B 193 -20.64 11.21 -12.02
CA TYR B 193 -21.39 11.15 -13.27
C TYR B 193 -22.84 11.45 -13.05
N LYS B 194 -23.49 11.96 -14.10
CA LYS B 194 -24.89 12.29 -14.07
C LYS B 194 -25.50 11.85 -15.39
N GLU B 195 -26.64 11.18 -15.31
CA GLU B 195 -27.37 10.74 -16.51
C GLU B 195 -28.43 11.74 -16.86
N LEU B 196 -28.48 12.09 -18.13
CA LEU B 196 -29.40 13.06 -18.71
C LEU B 196 -30.02 12.41 -19.93
N GLN B 197 -31.17 12.92 -20.34
CA GLN B 197 -31.84 12.28 -21.46
C GLN B 197 -32.09 13.22 -22.59
N ILE B 198 -32.00 12.67 -23.82
CA ILE B 198 -32.37 13.35 -25.04
C ILE B 198 -33.58 12.55 -25.48
N THR B 199 -34.74 13.21 -25.63
CA THR B 199 -35.97 12.53 -26.07
C THR B 199 -35.89 12.15 -27.58
N PRO B 200 -36.75 11.23 -28.06
CA PRO B 200 -36.77 10.94 -29.53
C PRO B 200 -37.11 12.17 -30.38
N GLU B 201 -38.03 13.05 -29.89
CA GLU B 201 -38.41 14.28 -30.62
C GLU B 201 -37.20 15.20 -30.74
N ALA B 202 -36.46 15.40 -29.64
CA ALA B 202 -35.28 16.27 -29.62
C ALA B 202 -34.15 15.74 -30.48
N SER B 203 -33.84 14.43 -30.37
CA SER B 203 -32.75 13.90 -31.19
C SER B 203 -33.08 14.04 -32.70
N ALA B 204 -34.35 13.82 -33.07
CA ALA B 204 -34.80 13.92 -34.47
C ALA B 204 -34.77 15.38 -34.95
N GLN B 205 -35.25 16.33 -34.10
CA GLN B 205 -35.27 17.77 -34.41
C GLN B 205 -33.86 18.30 -34.68
N PHE B 206 -32.86 17.83 -33.91
CA PHE B 206 -31.48 18.28 -34.05
C PHE B 206 -30.61 17.36 -34.91
N ASN B 207 -31.24 16.38 -35.63
CA ASN B 207 -30.57 15.45 -36.53
C ASN B 207 -29.39 14.73 -35.89
N LEU B 208 -29.57 14.30 -34.61
CA LEU B 208 -28.51 13.58 -33.89
C LEU B 208 -28.50 12.14 -34.44
N GLU B 209 -27.36 11.73 -35.00
CA GLU B 209 -27.20 10.43 -35.66
C GLU B 209 -27.53 9.23 -34.73
N PRO B 210 -28.55 8.42 -34.99
CA PRO B 210 -28.82 7.28 -34.09
C PRO B 210 -27.78 6.16 -34.20
N ASN B 211 -27.14 5.97 -35.38
CA ASN B 211 -26.22 4.82 -35.56
C ASN B 211 -24.76 5.16 -35.32
N ALA B 212 -24.49 5.82 -34.16
CA ALA B 212 -23.15 6.21 -33.74
C ALA B 212 -23.11 6.39 -32.24
N LEU B 213 -21.92 6.30 -31.66
CA LEU B 213 -21.67 6.57 -30.24
C LEU B 213 -21.17 8.02 -30.25
N HIS B 214 -21.82 8.89 -29.47
CA HIS B 214 -21.49 10.32 -29.47
C HIS B 214 -20.62 10.72 -28.31
N ILE B 215 -19.59 11.56 -28.56
CA ILE B 215 -18.73 12.07 -27.49
C ILE B 215 -18.58 13.58 -27.63
N TRP B 216 -18.64 14.28 -26.50
CA TRP B 216 -18.41 15.74 -26.39
C TRP B 216 -17.17 15.88 -25.48
N PRO B 217 -15.94 15.74 -26.03
CA PRO B 217 -14.74 15.88 -25.19
C PRO B 217 -14.59 17.32 -24.66
N HIS B 218 -14.09 17.46 -23.44
CA HIS B 218 -13.87 18.82 -22.88
C HIS B 218 -12.74 18.81 -21.84
N GLY B 219 -11.72 18.00 -22.10
CA GLY B 219 -10.54 17.88 -21.25
C GLY B 219 -10.82 17.21 -19.93
N ASP B 220 -10.89 18.00 -18.85
CA ASP B 220 -11.17 17.51 -17.50
C ASP B 220 -12.61 17.03 -17.30
N TYR B 221 -13.49 17.32 -18.24
CA TYR B 221 -14.86 16.82 -18.20
C TYR B 221 -15.34 16.47 -19.59
N MET B 222 -16.45 15.75 -19.71
CA MET B 222 -16.95 15.35 -21.03
C MET B 222 -18.34 14.74 -20.91
N CYS B 223 -19.03 14.63 -22.05
CA CYS B 223 -20.31 13.92 -22.16
C CYS B 223 -20.18 12.82 -23.20
N ILE B 224 -20.96 11.77 -23.03
CA ILE B 224 -21.09 10.66 -23.97
C ILE B 224 -22.58 10.41 -24.14
N ALA B 225 -23.02 9.99 -25.32
CA ALA B 225 -24.43 9.65 -25.51
C ALA B 225 -24.54 8.35 -26.26
N LEU B 226 -25.42 7.45 -25.78
CA LEU B 226 -25.68 6.18 -26.45
C LEU B 226 -27.13 6.16 -26.92
N PRO B 227 -27.37 5.64 -28.15
CA PRO B 227 -28.74 5.65 -28.67
C PRO B 227 -29.58 4.49 -28.17
N ASN B 228 -30.88 4.70 -28.20
CA ASN B 228 -31.89 3.68 -27.90
C ASN B 228 -32.66 3.38 -29.19
N LEU B 229 -33.32 2.19 -29.23
CA LEU B 229 -34.12 1.76 -30.39
C LEU B 229 -35.19 2.80 -30.74
N ASP B 230 -35.68 3.53 -29.73
CA ASP B 230 -36.74 4.52 -29.93
C ASP B 230 -36.21 5.93 -30.27
N ARG B 231 -34.90 6.05 -30.60
CA ARG B 231 -34.26 7.33 -30.96
C ARG B 231 -33.99 8.25 -29.76
N SER B 232 -34.32 7.83 -28.54
CA SER B 232 -33.92 8.60 -27.36
C SER B 232 -32.42 8.28 -27.16
N PHE B 233 -31.73 9.10 -26.37
CA PHE B 233 -30.33 8.84 -26.07
C PHE B 233 -30.13 9.04 -24.58
N THR B 234 -29.29 8.21 -23.99
CA THR B 234 -28.89 8.42 -22.61
C THR B 234 -27.56 9.16 -22.69
N VAL B 235 -27.52 10.34 -22.08
CA VAL B 235 -26.33 11.19 -22.04
C VAL B 235 -25.68 11.05 -20.65
N THR B 236 -24.39 10.77 -20.61
CA THR B 236 -23.69 10.76 -19.33
C THR B 236 -22.70 11.89 -19.30
N LEU B 237 -22.80 12.72 -18.26
CA LEU B 237 -21.87 13.81 -17.99
C LEU B 237 -20.83 13.26 -16.97
N PHE B 238 -19.53 13.37 -17.27
CA PHE B 238 -18.44 13.01 -16.36
C PHE B 238 -17.78 14.30 -15.97
N LEU B 239 -17.81 14.64 -14.67
CA LEU B 239 -17.32 15.93 -14.19
C LEU B 239 -16.82 15.76 -12.76
N HIS B 240 -15.72 16.45 -12.39
CA HIS B 240 -15.15 16.32 -11.03
C HIS B 240 -16.23 16.55 -9.98
N HIS B 241 -16.23 15.74 -8.90
CA HIS B 241 -17.15 15.95 -7.78
C HIS B 241 -16.86 17.35 -7.17
N GLN B 242 -15.56 17.64 -6.95
CA GLN B 242 -15.11 18.87 -6.32
C GLN B 242 -14.00 19.55 -7.14
N SER B 243 -13.92 20.89 -7.04
CA SER B 243 -12.91 21.69 -7.72
C SER B 243 -11.59 21.56 -6.92
N PRO B 244 -10.45 21.18 -7.54
CA PRO B 244 -9.21 21.02 -6.76
C PRO B 244 -8.66 22.33 -6.22
N ALA B 245 -7.76 22.25 -5.23
CA ALA B 245 -7.12 23.41 -4.58
C ALA B 245 -6.34 24.29 -5.57
N ALA B 246 -5.63 23.65 -6.53
CA ALA B 246 -4.83 24.34 -7.55
C ALA B 246 -5.68 25.09 -8.58
N GLN B 247 -6.90 24.58 -8.86
CA GLN B 247 -7.85 25.18 -9.79
C GLN B 247 -9.23 25.35 -9.11
N PRO B 248 -9.40 26.36 -8.21
CA PRO B 248 -10.70 26.50 -7.51
C PRO B 248 -11.86 26.97 -8.39
N ALA B 249 -11.57 27.56 -9.56
CA ALA B 249 -12.58 28.05 -10.50
C ALA B 249 -13.00 26.97 -11.53
N SER B 250 -12.24 25.85 -11.62
CA SER B 250 -12.52 24.77 -12.56
C SER B 250 -13.91 24.13 -12.31
N PRO B 251 -14.68 23.85 -13.39
CA PRO B 251 -16.02 23.26 -13.19
C PRO B 251 -16.03 21.98 -12.35
N SER B 252 -17.08 21.81 -11.54
CA SER B 252 -17.28 20.62 -10.71
C SER B 252 -18.76 20.50 -10.34
N PHE B 253 -19.19 19.31 -9.89
CA PHE B 253 -20.57 19.11 -9.44
C PHE B 253 -20.92 20.01 -8.25
N ALA B 254 -19.93 20.27 -7.36
CA ALA B 254 -20.11 21.14 -6.18
C ALA B 254 -20.57 22.53 -6.62
N GLN B 255 -20.04 23.04 -7.76
CA GLN B 255 -20.39 24.35 -8.31
C GLN B 255 -21.79 24.39 -8.96
N LEU B 256 -22.33 23.23 -9.35
CA LEU B 256 -23.64 23.16 -10.00
C LEU B 256 -24.70 22.86 -8.96
N VAL B 257 -25.10 23.91 -8.25
CA VAL B 257 -26.04 23.86 -7.12
C VAL B 257 -27.44 23.39 -7.50
N ASP B 258 -27.91 23.76 -8.69
CA ASP B 258 -29.21 23.37 -9.16
C ASP B 258 -29.23 23.17 -10.68
N GLY B 259 -30.40 22.85 -11.21
CA GLY B 259 -30.60 22.65 -12.64
C GLY B 259 -30.36 23.91 -13.44
N HIS B 260 -30.59 25.09 -12.81
CA HIS B 260 -30.36 26.38 -13.49
C HIS B 260 -28.88 26.60 -13.75
N ALA B 261 -28.02 26.27 -12.76
CA ALA B 261 -26.57 26.35 -12.85
C ALA B 261 -26.08 25.33 -13.90
N ALA B 262 -26.67 24.11 -13.88
CA ALA B 262 -26.34 23.05 -14.85
C ALA B 262 -26.63 23.53 -16.28
N ARG B 263 -27.78 24.20 -16.48
CA ARG B 263 -28.16 24.75 -17.77
C ARG B 263 -27.12 25.76 -18.28
N ARG B 264 -26.72 26.74 -17.44
CA ARG B 264 -25.74 27.77 -17.80
C ARG B 264 -24.40 27.13 -18.17
N PHE B 265 -23.97 26.13 -17.39
CA PHE B 265 -22.76 25.35 -17.63
C PHE B 265 -22.82 24.66 -19.02
N PHE B 266 -23.93 23.96 -19.33
CA PHE B 266 -24.09 23.29 -20.63
C PHE B 266 -24.16 24.31 -21.78
N GLN B 267 -24.90 25.42 -21.58
CA GLN B 267 -24.99 26.44 -22.62
C GLN B 267 -23.61 27.04 -22.96
N ARG B 268 -22.75 27.18 -21.93
CA ARG B 268 -21.40 27.73 -22.08
C ARG B 268 -20.34 26.73 -22.57
N GLN B 269 -20.40 25.46 -22.10
CA GLN B 269 -19.38 24.44 -22.39
C GLN B 269 -19.78 23.38 -23.40
N PHE B 270 -21.08 23.09 -23.53
CA PHE B 270 -21.57 22.10 -24.50
C PHE B 270 -22.71 22.75 -25.29
N PRO B 271 -22.43 23.86 -26.04
CA PRO B 271 -23.52 24.62 -26.68
C PRO B 271 -24.37 23.87 -27.70
N ASP B 272 -23.80 22.88 -28.40
CA ASP B 272 -24.57 22.12 -29.38
C ASP B 272 -25.35 20.96 -28.74
N LEU B 273 -25.07 20.67 -27.45
CA LEU B 273 -25.73 19.60 -26.69
C LEU B 273 -26.90 20.15 -25.85
N SER B 274 -26.68 21.29 -25.17
CA SER B 274 -27.70 21.92 -24.32
C SER B 274 -29.10 22.00 -24.96
N PRO B 275 -29.26 22.44 -26.24
CA PRO B 275 -30.63 22.51 -26.82
C PRO B 275 -31.36 21.19 -26.91
N MET B 276 -30.61 20.06 -26.93
CA MET B 276 -31.22 18.72 -27.03
C MET B 276 -31.63 18.17 -25.68
N LEU B 277 -31.21 18.83 -24.60
CA LEU B 277 -31.51 18.35 -23.25
C LEU B 277 -32.69 19.13 -22.68
N ASP B 278 -33.91 18.76 -23.09
CA ASP B 278 -35.14 19.44 -22.67
C ASP B 278 -35.38 19.41 -21.17
N SER B 279 -35.07 18.28 -20.52
CA SER B 279 -35.30 18.12 -19.10
C SER B 279 -33.99 18.21 -18.28
N LEU B 280 -32.98 18.96 -18.78
CA LEU B 280 -31.67 19.12 -18.13
C LEU B 280 -31.81 19.48 -16.65
N GLU B 281 -32.56 20.55 -16.37
CA GLU B 281 -32.78 21.05 -15.01
C GLU B 281 -33.32 19.96 -14.08
N GLN B 282 -34.41 19.30 -14.48
CA GLN B 282 -35.10 18.24 -13.75
C GLN B 282 -34.23 17.01 -13.57
N ASP B 283 -33.59 16.53 -14.68
CA ASP B 283 -32.70 15.37 -14.65
C ASP B 283 -31.55 15.61 -13.69
N PHE B 284 -30.95 16.82 -13.74
CA PHE B 284 -29.82 17.16 -12.88
C PHE B 284 -30.15 17.14 -11.40
N GLU B 285 -31.33 17.66 -11.04
CA GLU B 285 -31.77 17.71 -9.65
C GLU B 285 -32.34 16.40 -9.13
N HIS B 286 -33.00 15.60 -9.99
CA HIS B 286 -33.66 14.36 -9.56
C HIS B 286 -32.81 13.10 -9.71
N HIS B 287 -31.83 13.08 -10.64
CA HIS B 287 -30.95 11.92 -10.79
C HIS B 287 -29.74 12.14 -9.88
N PRO B 288 -29.40 11.20 -8.97
CA PRO B 288 -28.24 11.44 -8.08
C PRO B 288 -26.90 11.33 -8.81
N THR B 289 -25.88 12.03 -8.30
CA THR B 289 -24.54 12.01 -8.89
C THR B 289 -23.89 10.69 -8.49
N GLY B 290 -23.48 9.91 -9.48
CA GLY B 290 -22.84 8.63 -9.22
C GLY B 290 -21.35 8.76 -8.98
N LYS B 291 -20.77 7.72 -8.39
CA LYS B 291 -19.34 7.67 -8.08
C LYS B 291 -18.67 6.61 -8.94
N LEU B 292 -17.38 6.81 -9.23
CA LEU B 292 -16.59 5.90 -10.05
C LEU B 292 -15.41 5.41 -9.25
N ALA B 293 -14.91 4.20 -9.56
CA ALA B 293 -13.78 3.63 -8.82
C ALA B 293 -13.18 2.43 -9.53
N THR B 294 -11.94 2.10 -9.12
CA THR B 294 -11.25 0.92 -9.58
C THR B 294 -10.89 0.18 -8.31
N LEU B 295 -11.24 -1.10 -8.25
CA LEU B 295 -10.91 -1.91 -7.07
C LEU B 295 -10.17 -3.12 -7.61
N ARG B 296 -8.95 -3.34 -7.12
CA ARG B 296 -8.08 -4.40 -7.56
C ARG B 296 -7.84 -5.38 -6.44
N LEU B 297 -7.91 -6.68 -6.76
CA LEU B 297 -7.69 -7.73 -5.79
C LEU B 297 -6.56 -8.62 -6.27
N THR B 298 -5.76 -9.13 -5.34
CA THR B 298 -4.70 -10.08 -5.70
C THR B 298 -5.30 -11.50 -5.80
N THR B 299 -6.36 -11.73 -5.03
CA THR B 299 -7.02 -13.03 -4.86
C THR B 299 -8.51 -12.93 -5.23
N TRP B 300 -9.02 -13.86 -6.05
CA TRP B 300 -10.42 -13.88 -6.43
C TRP B 300 -11.15 -15.12 -5.92
N HIS B 301 -10.44 -16.01 -5.18
CA HIS B 301 -11.08 -17.23 -4.72
C HIS B 301 -10.66 -17.64 -3.34
N VAL B 302 -11.47 -18.48 -2.70
CA VAL B 302 -11.18 -19.08 -1.40
C VAL B 302 -11.13 -20.57 -1.75
N GLY B 303 -9.93 -21.11 -1.89
CA GLY B 303 -9.70 -22.51 -2.26
C GLY B 303 -10.58 -22.95 -3.41
N GLY B 304 -11.33 -24.03 -3.24
CA GLY B 304 -12.28 -24.49 -4.24
C GLY B 304 -13.72 -24.13 -3.89
N GLN B 305 -13.90 -23.36 -2.81
CA GLN B 305 -15.22 -23.03 -2.28
C GLN B 305 -15.93 -21.87 -2.94
N ALA B 306 -15.19 -20.79 -3.26
CA ALA B 306 -15.85 -19.59 -3.78
C ALA B 306 -14.97 -18.82 -4.71
N VAL B 307 -15.58 -18.14 -5.67
CA VAL B 307 -14.83 -17.34 -6.65
C VAL B 307 -15.61 -16.11 -7.00
N LEU B 308 -14.90 -15.04 -7.37
CA LEU B 308 -15.54 -13.81 -7.84
C LEU B 308 -15.30 -13.67 -9.34
N LEU B 309 -16.21 -12.97 -10.00
CA LEU B 309 -16.06 -12.60 -11.40
C LEU B 309 -16.83 -11.32 -11.67
N GLY B 310 -16.57 -10.72 -12.82
CA GLY B 310 -17.21 -9.48 -13.22
C GLY B 310 -16.87 -8.33 -12.27
N ASP B 311 -17.86 -7.46 -12.04
CA ASP B 311 -17.70 -6.30 -11.13
C ASP B 311 -17.38 -6.71 -9.68
N ALA B 312 -17.78 -7.93 -9.26
CA ALA B 312 -17.44 -8.39 -7.91
C ALA B 312 -15.93 -8.58 -7.79
N ALA B 313 -15.27 -9.01 -8.89
CA ALA B 313 -13.83 -9.25 -8.87
C ALA B 313 -13.04 -8.01 -9.20
N HIS B 314 -13.54 -7.17 -10.12
CA HIS B 314 -12.73 -6.06 -10.62
C HIS B 314 -13.51 -4.82 -11.04
N PRO B 315 -14.14 -4.09 -10.08
CA PRO B 315 -14.79 -2.83 -10.46
C PRO B 315 -13.81 -1.97 -11.24
N MET B 316 -14.27 -1.34 -12.33
CA MET B 316 -13.38 -0.55 -13.18
C MET B 316 -14.06 0.75 -13.56
N VAL B 317 -13.26 1.73 -13.98
CA VAL B 317 -13.82 3.01 -14.44
C VAL B 317 -14.53 2.75 -15.77
N PRO B 318 -15.57 3.54 -16.11
CA PRO B 318 -16.39 3.21 -17.28
C PRO B 318 -15.85 3.60 -18.65
N PHE B 319 -14.73 4.32 -18.67
CA PHE B 319 -14.21 5.01 -19.83
C PHE B 319 -13.84 4.14 -21.05
N HIS B 320 -13.80 2.82 -20.91
CA HIS B 320 -13.55 2.02 -22.11
C HIS B 320 -14.80 1.25 -22.57
N GLY B 321 -15.92 1.39 -21.85
CA GLY B 321 -17.15 0.67 -22.17
C GLY B 321 -16.87 -0.82 -22.19
N GLN B 322 -16.07 -1.29 -21.21
CA GLN B 322 -15.68 -2.69 -21.17
C GLN B 322 -16.10 -3.45 -19.93
N GLY B 323 -16.80 -2.83 -18.98
CA GLY B 323 -17.19 -3.54 -17.76
C GLY B 323 -18.03 -4.77 -18.05
N MET B 324 -19.12 -4.59 -18.82
CA MET B 324 -20.00 -5.70 -19.22
C MET B 324 -19.21 -6.67 -20.11
N ASN B 325 -18.46 -6.15 -21.10
CA ASN B 325 -17.69 -6.97 -22.04
C ASN B 325 -16.72 -7.88 -21.30
N CYS B 326 -16.04 -7.32 -20.30
CA CYS B 326 -15.09 -8.08 -19.49
C CYS B 326 -15.84 -9.11 -18.63
N ALA B 327 -16.98 -8.69 -18.02
CA ALA B 327 -17.76 -9.58 -17.14
C ALA B 327 -18.27 -10.80 -17.94
N LEU B 328 -18.75 -10.58 -19.18
CA LEU B 328 -19.23 -11.70 -20.01
C LEU B 328 -18.08 -12.61 -20.43
N GLU B 329 -16.93 -12.01 -20.74
CA GLU B 329 -15.71 -12.75 -21.09
C GLU B 329 -15.27 -13.60 -19.87
N ASP B 330 -15.36 -13.03 -18.63
CA ASP B 330 -15.03 -13.75 -17.40
C ASP B 330 -15.95 -14.96 -17.27
N ALA B 331 -17.25 -14.77 -17.55
CA ALA B 331 -18.24 -15.85 -17.41
C ALA B 331 -17.85 -17.07 -18.28
N VAL B 332 -17.44 -16.81 -19.54
CA VAL B 332 -17.00 -17.88 -20.45
C VAL B 332 -15.77 -18.58 -19.88
N ALA B 333 -14.77 -17.80 -19.44
CA ALA B 333 -13.53 -18.36 -18.89
C ALA B 333 -13.81 -19.18 -17.65
N LEU B 334 -14.66 -18.67 -16.75
CA LEU B 334 -15.01 -19.41 -15.53
C LEU B 334 -15.70 -20.74 -15.84
N ALA B 335 -16.70 -20.73 -16.75
CA ALA B 335 -17.41 -21.94 -17.12
C ALA B 335 -16.46 -22.95 -17.75
N GLU B 336 -15.53 -22.47 -18.57
CA GLU B 336 -14.54 -23.34 -19.24
C GLU B 336 -13.61 -24.01 -18.22
N HIS B 337 -13.08 -23.24 -17.26
CA HIS B 337 -12.19 -23.79 -16.24
C HIS B 337 -12.93 -24.78 -15.35
N LEU B 338 -14.16 -24.43 -14.91
CA LEU B 338 -14.94 -25.31 -14.04
C LEU B 338 -15.31 -26.61 -14.74
N GLN B 339 -15.63 -26.52 -16.02
CA GLN B 339 -16.05 -27.70 -16.76
C GLN B 339 -14.95 -28.76 -16.91
N SER B 340 -13.71 -28.30 -17.16
CA SER B 340 -12.57 -29.17 -17.49
CA SER B 340 -12.59 -29.18 -17.49
C SER B 340 -11.52 -29.42 -16.40
N ALA B 341 -11.61 -28.77 -15.25
CA ALA B 341 -10.57 -28.98 -14.24
C ALA B 341 -10.73 -30.29 -13.48
N ALA B 342 -9.63 -30.74 -12.81
CA ALA B 342 -9.61 -31.96 -12.00
C ALA B 342 -10.59 -31.82 -10.81
N ASP B 343 -10.71 -30.60 -10.27
CA ASP B 343 -11.56 -30.28 -9.12
C ASP B 343 -11.76 -28.77 -9.08
N ASN B 344 -12.66 -28.31 -8.22
CA ASN B 344 -12.97 -26.88 -8.13
C ASN B 344 -11.79 -26.04 -7.69
N ALA B 345 -10.97 -26.51 -6.72
CA ALA B 345 -9.79 -25.74 -6.27
C ALA B 345 -8.85 -25.43 -7.42
N SER B 346 -8.56 -26.46 -8.27
CA SER B 346 -7.70 -26.30 -9.45
C SER B 346 -8.34 -25.32 -10.44
N ALA B 347 -9.66 -25.47 -10.69
CA ALA B 347 -10.39 -24.59 -11.62
C ALA B 347 -10.32 -23.13 -11.18
N LEU B 348 -10.55 -22.89 -9.88
CA LEU B 348 -10.60 -21.50 -9.39
C LEU B 348 -9.24 -20.83 -9.39
N ALA B 349 -8.19 -21.57 -9.01
CA ALA B 349 -6.83 -21.04 -9.03
C ALA B 349 -6.41 -20.74 -10.48
N ALA B 350 -6.73 -21.64 -11.44
CA ALA B 350 -6.39 -21.46 -12.85
C ALA B 350 -7.18 -20.30 -13.46
N PHE B 351 -8.47 -20.15 -13.09
CA PHE B 351 -9.31 -19.04 -13.57
C PHE B 351 -8.72 -17.72 -13.11
N THR B 352 -8.39 -17.62 -11.82
CA THR B 352 -7.79 -16.41 -11.24
C THR B 352 -6.46 -16.09 -11.93
N ALA B 353 -5.55 -17.09 -12.05
CA ALA B 353 -4.25 -16.88 -12.69
C ALA B 353 -4.40 -16.42 -14.14
N GLN B 354 -5.40 -16.93 -14.86
CA GLN B 354 -5.62 -16.51 -16.25
C GLN B 354 -6.21 -15.12 -16.32
N ARG B 355 -7.28 -14.86 -15.55
CA ARG B 355 -8.06 -13.63 -15.69
C ARG B 355 -7.58 -12.42 -14.93
N GLN B 356 -7.00 -12.58 -13.73
CA GLN B 356 -6.60 -11.43 -12.92
C GLN B 356 -5.59 -10.51 -13.69
N PRO B 357 -4.53 -10.99 -14.42
CA PRO B 357 -3.69 -10.06 -15.19
C PRO B 357 -4.48 -9.34 -16.29
N ASP B 358 -5.45 -10.02 -16.94
CA ASP B 358 -6.28 -9.39 -17.98
C ASP B 358 -7.23 -8.36 -17.40
N ALA B 359 -7.85 -8.64 -16.23
CA ALA B 359 -8.72 -7.67 -15.56
C ALA B 359 -7.87 -6.45 -15.13
N LEU B 360 -6.64 -6.68 -14.63
CA LEU B 360 -5.76 -5.56 -14.27
C LEU B 360 -5.48 -4.68 -15.50
N ALA B 361 -5.23 -5.33 -16.65
CA ALA B 361 -4.94 -4.64 -17.90
C ALA B 361 -6.11 -3.78 -18.38
N ILE B 362 -7.34 -4.32 -18.37
CA ILE B 362 -8.49 -3.49 -18.79
C ILE B 362 -8.77 -2.37 -17.78
N GLN B 363 -8.52 -2.61 -16.48
CA GLN B 363 -8.70 -1.56 -15.48
C GLN B 363 -7.76 -0.40 -15.80
N ALA B 364 -6.51 -0.70 -16.19
CA ALA B 364 -5.51 0.32 -16.51
C ALA B 364 -5.86 1.02 -17.81
N MET B 365 -6.25 0.26 -18.84
CA MET B 365 -6.63 0.85 -20.13
C MET B 365 -7.89 1.70 -20.06
N ALA B 366 -8.87 1.31 -19.24
CA ALA B 366 -10.08 2.11 -19.07
C ALA B 366 -9.73 3.47 -18.44
N LEU B 367 -8.81 3.50 -17.45
CA LEU B 367 -8.36 4.76 -16.82
C LEU B 367 -7.70 5.63 -17.88
N GLU B 368 -6.83 5.03 -18.70
CA GLU B 368 -6.11 5.72 -19.78
C GLU B 368 -7.03 6.24 -20.88
N ASN B 369 -8.10 5.47 -21.23
CA ASN B 369 -9.03 5.85 -22.30
C ASN B 369 -9.74 7.18 -22.05
N TYR B 370 -9.83 7.61 -20.77
CA TYR B 370 -10.45 8.90 -20.45
C TYR B 370 -9.73 10.08 -21.20
N VAL B 371 -8.41 10.25 -20.99
CA VAL B 371 -7.65 11.34 -21.63
C VAL B 371 -7.67 11.19 -23.16
N GLU B 372 -7.73 9.94 -23.67
CA GLU B 372 -7.83 9.66 -25.11
C GLU B 372 -9.15 10.21 -25.65
N MET B 373 -10.28 9.95 -24.95
CA MET B 373 -11.60 10.42 -25.37
C MET B 373 -11.79 11.91 -25.17
N SER B 374 -11.31 12.45 -24.02
CA SER B 374 -11.59 13.83 -23.64
C SER B 374 -10.45 14.85 -23.79
N SER B 375 -9.22 14.47 -23.44
CA SER B 375 -8.10 15.43 -23.47
C SER B 375 -7.10 15.23 -24.62
N LYS B 376 -7.40 14.34 -25.60
CA LYS B 376 -6.45 14.08 -26.69
C LYS B 376 -7.02 14.12 -28.11
N VAL B 377 -8.29 13.70 -28.36
CA VAL B 377 -8.92 13.68 -29.70
C VAL B 377 -8.82 15.02 -30.48
N ALA B 378 -8.48 16.13 -29.81
CA ALA B 378 -8.34 17.47 -30.40
C ALA B 378 -6.90 18.02 -30.33
N SER B 379 -6.00 17.34 -29.57
CA SER B 379 -4.59 17.71 -29.38
C SER B 379 -3.80 17.69 -30.71
N PRO B 380 -2.85 18.64 -30.95
CA PRO B 380 -2.12 18.63 -32.23
C PRO B 380 -1.10 17.50 -32.36
N THR B 381 -0.37 17.18 -31.26
CA THR B 381 0.64 16.13 -31.22
C THR B 381 0.00 14.72 -31.23
N TYR B 382 -1.25 14.57 -30.72
CA TYR B 382 -1.98 13.30 -30.72
C TYR B 382 -2.47 12.95 -32.12
N LEU B 383 -3.02 13.95 -32.85
CA LEU B 383 -3.58 13.77 -34.19
C LEU B 383 -2.54 13.23 -35.19
N LEU B 384 -1.29 13.72 -35.10
CA LEU B 384 -0.17 13.28 -35.94
C LEU B 384 0.19 11.83 -35.61
N GLU B 385 0.16 11.46 -34.31
CA GLU B 385 0.38 10.10 -33.82
C GLU B 385 -0.73 9.18 -34.33
N ARG B 386 -2.00 9.65 -34.30
CA ARG B 386 -3.16 8.90 -34.79
C ARG B 386 -3.10 8.71 -36.30
N GLU B 387 -2.68 9.77 -37.02
CA GLU B 387 -2.51 9.78 -38.48
C GLU B 387 -1.44 8.76 -38.87
N LEU B 388 -0.29 8.76 -38.17
CA LEU B 388 0.80 7.80 -38.40
C LEU B 388 0.36 6.38 -38.03
N GLY B 389 -0.39 6.25 -36.94
CA GLY B 389 -0.96 4.99 -36.46
C GLY B 389 -1.83 4.30 -37.49
N GLN B 390 -2.66 5.09 -38.22
CA GLN B 390 -3.55 4.59 -39.29
C GLN B 390 -2.74 4.01 -40.46
N ILE B 391 -1.67 4.74 -40.89
CA ILE B 391 -0.80 4.28 -41.96
C ILE B 391 -0.10 2.99 -41.56
N MET B 392 0.42 2.92 -40.31
CA MET B 392 1.09 1.72 -39.80
C MET B 392 0.11 0.55 -39.76
N ALA B 393 -1.16 0.83 -39.32
CA ALA B 393 -2.24 -0.17 -39.28
C ALA B 393 -2.56 -0.67 -40.68
N GLN B 394 -2.59 0.26 -41.68
CA GLN B 394 -2.84 -0.03 -43.09
C GLN B 394 -1.71 -0.88 -43.69
N ARG B 395 -0.44 -0.50 -43.41
CA ARG B 395 0.75 -1.19 -43.90
C ARG B 395 0.98 -2.56 -43.28
N GLN B 396 0.74 -2.70 -41.94
CA GLN B 396 0.98 -3.96 -41.23
C GLN B 396 -0.28 -4.32 -40.43
N PRO B 397 -1.32 -4.87 -41.10
CA PRO B 397 -2.59 -5.16 -40.40
C PRO B 397 -2.58 -6.25 -39.33
N THR B 398 -1.58 -7.16 -39.33
CA THR B 398 -1.49 -8.20 -38.30
C THR B 398 -0.42 -7.89 -37.22
N ARG B 399 0.19 -6.70 -37.30
CA ARG B 399 1.24 -6.23 -36.39
C ARG B 399 0.82 -4.97 -35.65
N PHE B 400 0.48 -3.91 -36.39
CA PHE B 400 0.05 -2.65 -35.79
C PHE B 400 -1.47 -2.59 -35.83
N ILE B 401 -2.09 -2.85 -34.68
CA ILE B 401 -3.55 -2.78 -34.54
C ILE B 401 -3.79 -1.76 -33.42
N PRO B 402 -4.47 -0.63 -33.70
CA PRO B 402 -4.71 0.36 -32.62
C PRO B 402 -5.29 -0.28 -31.37
N ARG B 403 -4.79 0.13 -30.20
CA ARG B 403 -5.23 -0.44 -28.92
C ARG B 403 -6.75 -0.45 -28.75
N TYR B 404 -7.43 0.64 -29.14
CA TYR B 404 -8.90 0.67 -29.05
C TYR B 404 -9.50 -0.52 -29.84
N SER B 405 -8.98 -0.80 -31.05
CA SER B 405 -9.43 -1.92 -31.88
C SER B 405 -9.12 -3.28 -31.25
N MET B 406 -7.93 -3.45 -30.65
CA MET B 406 -7.59 -4.72 -30.00
C MET B 406 -8.55 -4.98 -28.85
N VAL B 407 -8.85 -3.95 -28.07
CA VAL B 407 -9.74 -4.12 -26.90
C VAL B 407 -11.19 -4.32 -27.36
N THR B 408 -11.64 -3.52 -28.34
CA THR B 408 -13.04 -3.48 -28.73
C THR B 408 -13.45 -4.56 -29.75
N PHE B 409 -12.64 -4.81 -30.77
CA PHE B 409 -13.04 -5.70 -31.85
C PHE B 409 -12.31 -7.06 -31.88
N SER B 410 -11.39 -7.30 -30.95
CA SER B 410 -10.68 -8.58 -30.92
C SER B 410 -10.84 -9.26 -29.55
N ARG B 411 -10.46 -10.52 -29.46
CA ARG B 411 -10.53 -11.29 -28.22
C ARG B 411 -9.13 -11.57 -27.70
N LEU B 412 -8.12 -10.78 -28.17
CA LEU B 412 -6.75 -10.90 -27.70
C LEU B 412 -6.78 -10.68 -26.16
N PRO B 413 -6.10 -11.51 -25.31
CA PRO B 413 -6.13 -11.22 -23.86
C PRO B 413 -5.81 -9.75 -23.59
N TYR B 414 -6.60 -9.09 -22.72
CA TYR B 414 -6.40 -7.68 -22.41
C TYR B 414 -4.93 -7.33 -22.11
N ALA B 415 -4.19 -8.19 -21.35
CA ALA B 415 -2.78 -7.94 -21.01
C ALA B 415 -1.90 -7.87 -22.21
N GLN B 416 -2.23 -8.68 -23.24
CA GLN B 416 -1.48 -8.67 -24.51
C GLN B 416 -1.83 -7.42 -25.30
N ALA B 417 -3.13 -7.04 -25.33
CA ALA B 417 -3.60 -5.81 -26.00
C ALA B 417 -2.87 -4.61 -25.38
N MET B 418 -2.75 -4.58 -24.05
CA MET B 418 -2.05 -3.49 -23.37
C MET B 418 -0.54 -3.50 -23.63
N ALA B 419 0.10 -4.70 -23.62
CA ALA B 419 1.55 -4.82 -23.89
C ALA B 419 1.89 -4.33 -25.29
N ARG B 420 1.09 -4.77 -26.29
CA ARG B 420 1.27 -4.36 -27.69
C ARG B 420 0.96 -2.88 -27.84
N GLY B 421 -0.07 -2.40 -27.11
CA GLY B 421 -0.47 -0.98 -27.10
C GLY B 421 0.66 -0.09 -26.59
N GLN B 422 1.39 -0.55 -25.55
CA GLN B 422 2.52 0.20 -25.01
C GLN B 422 3.64 0.33 -26.04
N ILE B 423 3.97 -0.79 -26.72
CA ILE B 423 4.99 -0.82 -27.78
C ILE B 423 4.58 0.18 -28.90
N GLN B 424 3.31 0.13 -29.31
CA GLN B 424 2.77 1.00 -30.36
C GLN B 424 2.79 2.47 -29.96
N GLU B 425 2.38 2.80 -28.72
CA GLU B 425 2.37 4.17 -28.20
C GLU B 425 3.80 4.73 -28.19
N GLN B 426 4.77 3.93 -27.70
CA GLN B 426 6.19 4.31 -27.66
C GLN B 426 6.70 4.57 -29.08
N LEU B 427 6.35 3.67 -30.04
CA LEU B 427 6.75 3.79 -31.45
C LEU B 427 6.28 5.12 -32.05
N LEU B 428 4.99 5.44 -31.87
CA LEU B 428 4.37 6.68 -32.37
C LEU B 428 4.96 7.91 -31.70
N LYS B 429 5.11 7.90 -30.36
CA LYS B 429 5.69 8.98 -29.56
C LYS B 429 7.10 9.33 -30.05
N PHE B 430 7.99 8.31 -30.26
CA PHE B 430 9.34 8.56 -30.75
C PHE B 430 9.37 9.02 -32.22
N ALA B 431 8.55 8.41 -33.08
CA ALA B 431 8.48 8.75 -34.51
C ALA B 431 8.02 10.18 -34.84
N VAL B 432 7.04 10.72 -34.10
CA VAL B 432 6.48 12.06 -34.38
C VAL B 432 7.26 13.19 -33.71
N ALA B 433 8.00 12.88 -32.61
CA ALA B 433 8.76 13.88 -31.87
C ALA B 433 9.66 14.68 -32.79
N ASN B 434 9.49 16.03 -32.74
CA ASN B 434 10.23 17.05 -33.52
C ASN B 434 9.92 16.98 -35.02
N HIS B 435 8.66 16.68 -35.36
CA HIS B 435 8.14 16.63 -36.73
C HIS B 435 6.77 17.33 -36.77
N SER B 436 6.68 18.44 -37.53
CA SER B 436 5.48 19.25 -37.67
C SER B 436 4.35 18.49 -38.36
N ASP B 437 4.69 17.68 -39.38
CA ASP B 437 3.70 16.91 -40.14
C ASP B 437 4.26 15.58 -40.71
N LEU B 438 3.35 14.80 -41.32
CA LEU B 438 3.57 13.48 -41.94
C LEU B 438 4.62 13.47 -43.08
N THR B 439 4.84 14.61 -43.75
CA THR B 439 5.80 14.73 -44.87
C THR B 439 7.26 14.61 -44.40
N SER B 440 7.60 15.17 -43.22
CA SER B 440 8.94 15.11 -42.65
C SER B 440 9.25 13.76 -41.95
N ILE B 441 8.22 12.94 -41.68
CA ILE B 441 8.36 11.62 -41.06
C ILE B 441 8.66 10.57 -42.13
N ASN B 442 9.73 9.79 -41.92
CA ASN B 442 10.11 8.68 -42.81
C ASN B 442 9.21 7.51 -42.42
N LEU B 443 8.21 7.19 -43.27
CA LEU B 443 7.22 6.14 -43.01
C LEU B 443 7.79 4.73 -43.01
N ASP B 444 8.71 4.42 -43.96
CA ASP B 444 9.35 3.11 -44.07
C ASP B 444 10.22 2.76 -42.84
N ALA B 445 10.82 3.79 -42.20
CA ALA B 445 11.62 3.63 -40.98
C ALA B 445 10.71 3.23 -39.81
N VAL B 446 9.54 3.91 -39.68
CA VAL B 446 8.54 3.62 -38.65
C VAL B 446 8.01 2.19 -38.84
N GLU B 447 7.72 1.80 -40.12
CA GLU B 447 7.24 0.48 -40.51
C GLU B 447 8.26 -0.61 -40.17
N HIS B 448 9.54 -0.31 -40.36
CA HIS B 448 10.61 -1.25 -40.03
C HIS B 448 10.61 -1.51 -38.52
N GLU B 449 10.34 -0.47 -37.71
CA GLU B 449 10.22 -0.55 -36.25
C GLU B 449 9.03 -1.41 -35.86
N VAL B 450 7.93 -1.33 -36.65
CA VAL B 450 6.70 -2.12 -36.43
C VAL B 450 7.03 -3.62 -36.65
N THR B 451 7.73 -3.95 -37.77
CA THR B 451 8.12 -5.33 -38.08
C THR B 451 9.14 -5.89 -37.08
N ARG B 452 10.01 -5.01 -36.57
CA ARG B 452 11.05 -5.37 -35.62
C ARG B 452 10.51 -5.58 -34.19
N CYS B 453 9.51 -4.78 -33.74
CA CYS B 453 9.00 -4.85 -32.36
C CYS B 453 7.63 -5.49 -32.18
N LEU B 454 6.83 -5.63 -33.25
CA LEU B 454 5.49 -6.22 -33.09
C LEU B 454 5.31 -7.52 -33.87
N PRO B 455 5.28 -8.68 -33.16
CA PRO B 455 5.09 -9.97 -33.84
C PRO B 455 3.72 -10.07 -34.52
N PRO B 456 3.62 -10.79 -35.66
CA PRO B 456 2.30 -10.90 -36.32
C PRO B 456 1.34 -11.76 -35.51
N LEU B 457 0.06 -11.40 -35.52
CA LEU B 457 -0.99 -12.11 -34.78
C LEU B 457 -1.82 -12.99 -35.73
PA FAD C . 19.31 5.89 28.55
O1A FAD C . 20.46 6.05 27.61
O2A FAD C . 19.06 4.48 29.06
O5B FAD C . 19.65 6.85 29.78
C5B FAD C . 18.82 6.84 30.96
C4B FAD C . 19.69 7.35 32.07
O4B FAD C . 18.86 7.64 33.22
C3B FAD C . 20.78 6.38 32.55
O3B FAD C . 22.06 7.00 32.65
C2B FAD C . 20.21 5.84 33.87
O2B FAD C . 21.20 5.39 34.79
C1B FAD C . 19.47 7.08 34.37
N9A FAD C . 18.44 6.84 35.37
C8A FAD C . 17.48 5.87 35.37
N7A FAD C . 16.60 5.98 36.35
C5A FAD C . 17.03 7.10 37.03
C6A FAD C . 16.55 7.74 38.20
N6A FAD C . 15.47 7.33 38.87
N1A FAD C . 17.23 8.83 38.64
C2A FAD C . 18.31 9.25 37.95
N3A FAD C . 18.86 8.71 36.85
C4A FAD C . 18.16 7.64 36.44
N1 FAD C . 19.63 1.69 20.23
C2 FAD C . 20.05 1.93 18.96
O2 FAD C . 19.68 2.92 18.33
N3 FAD C . 20.99 1.05 18.38
C4 FAD C . 21.56 -0.05 18.99
O4 FAD C . 22.27 -0.81 18.35
C4X FAD C . 21.19 -0.22 20.36
N5 FAD C . 21.80 -1.15 21.06
C5X FAD C . 21.42 -1.32 22.38
C6 FAD C . 22.10 -2.25 23.17
C7 FAD C . 21.77 -2.45 24.52
C7M FAD C . 22.55 -3.43 25.33
C8 FAD C . 20.71 -1.70 25.09
C8M FAD C . 20.33 -1.86 26.54
C9 FAD C . 20.02 -0.80 24.29
C9A FAD C . 20.38 -0.56 22.97
N10 FAD C . 19.76 0.44 22.18
C10 FAD C . 20.17 0.68 20.90
C1' FAD C . 18.70 1.26 22.77
C2' FAD C . 19.33 2.54 23.33
O2' FAD C . 20.40 2.23 24.23
C3' FAD C . 18.28 3.37 24.08
O3' FAD C . 17.12 3.54 23.26
C4' FAD C . 18.82 4.75 24.45
O4' FAD C . 19.93 4.60 25.35
C5' FAD C . 17.74 5.60 25.08
O5' FAD C . 18.38 6.82 25.44
P FAD C . 17.78 7.50 26.76
O1P FAD C . 18.64 8.70 27.01
O2P FAD C . 16.31 7.76 26.60
O3P FAD C . 17.97 6.47 27.95
N1 8RB D . 19.03 -3.64 22.53
C4 8RB D . 20.72 -3.20 15.54
C5 8RB D . 19.84 -3.31 13.50
C6 8RB D . 19.05 -3.79 12.30
C7 8RB D . 20.04 -4.42 11.32
C8 8RB D . 19.40 -5.12 10.14
C10 8RB D . 19.11 -4.98 15.41
C13 8RB D . 21.10 -5.34 21.87
C15 8RB D . 19.38 -4.63 23.35
CL 8RB D . 18.53 -6.56 17.53
C11 8RB D . 19.37 -5.25 16.75
C9 8RB D . 19.81 -3.96 14.79
O3 8RB D . 18.20 -5.21 9.97
O2 8RB D . 20.30 -5.61 9.34
N 8RB D . 20.62 -2.30 13.49
O1 8RB D . 21.22 -2.20 14.78
C3 8RB D . 20.98 -3.45 16.87
C2 8RB D . 20.29 -4.49 17.48
O 8RB D . 20.49 -4.90 18.78
C1 8RB D . 21.23 -4.06 19.66
C 8RB D . 22.70 -4.45 19.57
C12 8RB D . 20.68 -4.29 21.05
N2 8RB D . 19.68 -3.48 21.38
C16 8RB D . 18.59 -4.73 24.63
C14 8RB D . 20.40 -5.51 23.05
PA FAD E . -24.06 -6.77 -12.48
O1A FAD E . -24.52 -6.79 -13.89
O2A FAD E . -24.14 -5.43 -11.76
O5B FAD E . -24.93 -7.85 -11.69
C5B FAD E . -24.81 -8.00 -10.26
C4B FAD E . -26.11 -8.61 -9.79
O4B FAD E . -25.97 -9.01 -8.41
C3B FAD E . -27.33 -7.66 -9.84
O3B FAD E . -28.44 -8.28 -10.49
C2B FAD E . -27.54 -7.30 -8.36
O2B FAD E . -28.88 -6.98 -8.01
C1B FAD E . -27.10 -8.60 -7.69
N9A FAD E . -26.74 -8.49 -6.28
C8A FAD E . -25.98 -7.53 -5.68
N7A FAD E . -25.73 -7.76 -4.41
C5A FAD E . -26.39 -8.94 -4.15
C6A FAD E . -26.54 -9.73 -2.98
N6A FAD E . -26.00 -9.41 -1.80
N1A FAD E . -27.31 -10.84 -3.05
C2A FAD E . -27.87 -11.16 -4.23
N3A FAD E . -27.80 -10.51 -5.39
C4A FAD E . -27.04 -9.41 -5.29
N1 FAD E . -20.11 -1.77 -19.39
C2 FAD E . -19.79 -1.90 -20.71
O2 FAD E . -19.13 -2.86 -21.14
N3 FAD E . -20.28 -0.96 -21.62
C4 FAD E . -21.10 0.11 -21.32
O4 FAD E . -21.39 0.93 -22.18
C4X FAD E . -21.48 0.20 -19.91
N5 FAD E . -22.32 1.14 -19.56
C5X FAD E . -22.71 1.20 -18.21
C6 FAD E . -23.65 2.16 -17.82
C7 FAD E . -24.02 2.31 -16.48
C7M FAD E . -24.93 3.45 -16.08
C8 FAD E . -23.47 1.43 -15.51
C8M FAD E . -23.85 1.55 -14.05
C9 FAD E . -22.55 0.46 -15.91
C9A FAD E . -22.17 0.32 -17.25
N10 FAD E . -21.26 -0.67 -17.68
C10 FAD E . -20.92 -0.79 -19.01
C1' FAD E . -20.65 -1.58 -16.69
C2' FAD E . -21.46 -2.86 -16.64
O2' FAD E . -22.83 -2.56 -16.37
C3' FAD E . -20.93 -3.79 -15.55
O3' FAD E . -19.52 -3.91 -15.64
C4' FAD E . -21.55 -5.19 -15.61
O4' FAD E . -22.96 -5.10 -15.39
C5' FAD E . -20.91 -6.11 -14.62
O5' FAD E . -21.62 -7.35 -14.75
P FAD E . -21.76 -8.19 -13.40
O1P FAD E . -22.58 -9.37 -13.74
O2P FAD E . -20.40 -8.47 -12.81
O3P FAD E . -22.56 -7.29 -12.35
N1 8RB F . -20.75 3.41 -16.60
C4 8RB F . -18.59 3.51 -23.42
C5 8RB F . -16.82 3.62 -24.75
C6 8RB F . -15.47 4.04 -25.30
C7 8RB F . -15.64 5.16 -26.30
C8 8RB F . -14.38 5.55 -27.03
C10 8RB F . -17.07 5.19 -22.63
C13 8RB F . -22.04 5.42 -17.97
C15 8RB F . -21.37 4.37 -15.93
CL 8RB F . -17.52 6.59 -20.38
C11 8RB F . -17.94 5.42 -21.59
C9 8RB F . -17.41 4.21 -23.57
O3 8RB F . -14.61 6.05 -28.20
O2 8RB F . -13.26 5.42 -26.57
N 8RB F . -17.56 2.70 -25.24
O1 8RB F . -18.72 2.60 -24.42
C3 8RB F . -19.47 3.73 -22.37
C2 8RB F . -19.14 4.71 -21.45
O 8RB F . -19.89 5.03 -20.35
C1 8RB F . -21.12 4.34 -20.11
C 8RB F . -22.19 5.10 -20.88
C12 8RB F . -21.35 4.38 -18.62
N2 8RB F . -20.73 3.42 -17.93
C16 8RB F . -21.28 4.31 -14.44
C14 8RB F . -22.03 5.40 -16.59
#